data_7KYL
#
_entry.id   7KYL
#
_cell.length_a   79.154
_cell.length_b   62.557
_cell.length_c   141.546
_cell.angle_alpha   90.000
_cell.angle_beta   97.970
_cell.angle_gamma   90.000
#
_symmetry.space_group_name_H-M   'P 1 21 1'
#
loop_
_entity.id
_entity.type
_entity.pdbx_description
1 polymer 'POWV-80 Fab heavy chain'
2 polymer 'POWV-80 Fab light chain'
3 polymer 'Envelope protein domain III'
4 non-polymer 'SODIUM ION'
5 non-polymer 'CHLORIDE ION'
6 water water
#
loop_
_entity_poly.entity_id
_entity_poly.type
_entity_poly.pdbx_seq_one_letter_code
_entity_poly.pdbx_strand_id
1 'polypeptide(L)'
;EVKLVESEGGLVQPGSSMKVSCTASGFTFSHYYMAWVRQVPEKGLEWVANINYDGTSTYYLDSLKSRFIISRDNANNILY
LQMSSLKSEDTAIYYCAREEGYGNPYPYWYFDVWGTGTTVTVSSAKTTAPSVYPLAPVCGGTTGSSVTLGCLVKGYFPEP
VTLTWNSGSLSSGVHTFPALLQSGLYTLSSSVTVTSNTWPSQTITCNVAHPASSTKVDKKIEPRVPIT
;
H,X
2 'polypeptide(L)'
;(PCA)IVLTQSPAILSASPGEKVTMTCRASSSVSYMHWYQQKPGSSPKSWIYATSNLASGVPTRFSGSGSGTSYSLTISR
VEAEDAATYYCQQRSSNPRTFGGGTKLEIKRADAAPTVSIFPPSSEQLTSGGASVVCFLNNFYPKDINVKWKIDGSERQN
GVLNSWTDQDSKDSTYSMSSTLTLTKDEYERHNSYTCEATHKTSTSPIVKSFNRNEC
;
L,Y
3 'polypeptide(L)'
;MKLKGTTYSMCDKTKFKWKRVPVDSGHDTVVMEVSYTGSDKPCRIPVRAVAHGVPTINVAMLITPNPTIETSGGGFIEMQ
LPPGDNIIYVGDLSQQWFQKGST
;
E,Z
#
loop_
_chem_comp.id
_chem_comp.type
_chem_comp.name
_chem_comp.formula
CL non-polymer 'CHLORIDE ION' 'Cl -1'
NA non-polymer 'SODIUM ION' 'Na 1'
#
# COMPACT_ATOMS: atom_id res chain seq x y z
N GLU A 1 21.48 -1.34 -34.29
CA GLU A 1 21.22 -2.08 -33.06
C GLU A 1 20.84 -3.52 -33.34
N VAL A 2 20.94 -4.36 -32.32
CA VAL A 2 20.51 -5.75 -32.41
C VAL A 2 18.99 -5.79 -32.29
N LYS A 3 18.33 -6.52 -33.19
CA LYS A 3 16.88 -6.51 -33.26
C LYS A 3 16.36 -7.87 -33.73
N LEU A 4 15.25 -8.30 -33.13
CA LEU A 4 14.57 -9.55 -33.49
C LEU A 4 13.10 -9.24 -33.73
N VAL A 5 12.59 -9.62 -34.90
CA VAL A 5 11.22 -9.30 -35.31
C VAL A 5 10.49 -10.59 -35.67
N GLU A 6 9.40 -10.87 -34.97
CA GLU A 6 8.61 -12.08 -35.18
C GLU A 6 7.53 -11.85 -36.25
N SER A 7 7.06 -12.96 -36.82
CA SER A 7 5.99 -12.95 -37.81
C SER A 7 4.63 -12.87 -37.13
N GLU A 8 3.58 -12.93 -37.93
CA GLU A 8 2.21 -12.87 -37.43
C GLU A 8 1.78 -14.23 -36.88
N GLY A 9 0.96 -14.20 -35.82
CA GLY A 9 0.46 -15.43 -35.23
C GLY A 9 -0.87 -15.85 -35.80
N GLY A 10 -1.89 -16.01 -34.95
CA GLY A 10 -3.23 -16.25 -35.44
C GLY A 10 -3.93 -17.31 -34.62
N LEU A 11 -5.11 -17.68 -35.12
CA LEU A 11 -5.98 -18.69 -34.51
C LEU A 11 -5.92 -19.99 -35.30
N VAL A 12 -5.91 -21.12 -34.60
CA VAL A 12 -5.85 -22.43 -35.23
C VAL A 12 -6.69 -23.39 -34.41
N GLN A 13 -7.22 -24.42 -35.09
CA GLN A 13 -8.08 -25.38 -34.42
C GLN A 13 -7.25 -26.45 -33.70
N PRO A 14 -7.80 -27.03 -32.63
CA PRO A 14 -7.08 -28.10 -31.93
C PRO A 14 -6.77 -29.27 -32.86
N GLY A 15 -5.52 -29.71 -32.85
CA GLY A 15 -5.06 -30.77 -33.71
C GLY A 15 -4.36 -30.31 -34.97
N SER A 16 -4.43 -29.01 -35.30
CA SER A 16 -3.85 -28.49 -36.52
C SER A 16 -2.40 -28.04 -36.27
N SER A 17 -1.85 -27.29 -37.22
CA SER A 17 -0.44 -26.91 -37.20
C SER A 17 -0.29 -25.43 -37.51
N MET A 18 0.87 -24.87 -37.13
CA MET A 18 1.20 -23.50 -37.50
C MET A 18 2.71 -23.31 -37.41
N LYS A 19 3.22 -22.37 -38.21
CA LYS A 19 4.64 -22.06 -38.29
C LYS A 19 4.83 -20.57 -38.08
N VAL A 20 5.77 -20.20 -37.19
CA VAL A 20 6.13 -18.82 -36.95
C VAL A 20 7.63 -18.65 -37.19
N SER A 21 8.06 -17.40 -37.37
CA SER A 21 9.45 -17.11 -37.69
C SER A 21 9.90 -15.85 -36.98
N CYS A 22 11.22 -15.62 -37.02
CA CYS A 22 11.87 -14.51 -36.32
C CYS A 22 13.04 -14.04 -37.16
N THR A 23 13.01 -12.77 -37.58
CA THR A 23 14.03 -12.22 -38.47
C THR A 23 15.01 -11.36 -37.67
N ALA A 24 16.31 -11.65 -37.82
CA ALA A 24 17.36 -11.01 -37.06
C ALA A 24 18.11 -10.01 -37.91
N SER A 25 18.58 -8.93 -37.26
CA SER A 25 19.38 -7.91 -37.94
C SER A 25 20.29 -7.25 -36.91
N GLY A 26 21.41 -6.71 -37.40
CA GLY A 26 22.32 -5.97 -36.55
C GLY A 26 23.47 -6.76 -35.95
N PHE A 27 23.56 -8.06 -36.22
CA PHE A 27 24.65 -8.88 -35.73
C PHE A 27 24.82 -10.06 -36.68
N THR A 28 25.88 -10.84 -36.45
CA THR A 28 26.18 -12.01 -37.29
C THR A 28 25.42 -13.20 -36.69
N PHE A 29 24.31 -13.55 -37.34
CA PHE A 29 23.33 -14.49 -36.78
C PHE A 29 23.94 -15.85 -36.47
N SER A 30 24.81 -16.35 -37.36
CA SER A 30 25.35 -17.70 -37.21
C SER A 30 26.34 -17.84 -36.06
N HIS A 31 26.62 -16.78 -35.29
CA HIS A 31 27.56 -16.85 -34.20
C HIS A 31 26.89 -16.90 -32.83
N TYR A 32 25.60 -17.25 -32.77
CA TYR A 32 24.87 -17.27 -31.50
C TYR A 32 23.86 -18.41 -31.47
N TYR A 33 23.77 -19.08 -30.32
CA TYR A 33 22.63 -19.96 -30.02
C TYR A 33 21.35 -19.14 -29.89
N MET A 34 20.22 -19.75 -30.25
CA MET A 34 18.92 -19.08 -30.26
C MET A 34 17.87 -19.96 -29.60
N ALA A 35 16.75 -19.34 -29.18
CA ALA A 35 15.77 -20.05 -28.37
C ALA A 35 14.38 -19.42 -28.53
N TRP A 36 13.36 -20.19 -28.10
CA TRP A 36 11.98 -19.73 -27.99
C TRP A 36 11.50 -19.86 -26.56
N VAL A 37 10.75 -18.85 -26.07
CA VAL A 37 10.18 -18.82 -24.72
C VAL A 37 8.77 -18.26 -24.81
N ARG A 38 7.82 -18.85 -24.07
CA ARG A 38 6.42 -18.43 -24.16
C ARG A 38 5.89 -17.90 -22.83
N GLN A 39 4.92 -16.99 -22.91
CA GLN A 39 4.26 -16.42 -21.73
C GLN A 39 2.79 -16.83 -21.77
N VAL A 40 2.39 -17.64 -20.79
CA VAL A 40 1.06 -18.26 -20.75
C VAL A 40 0.16 -17.42 -19.85
N PRO A 41 -1.11 -17.23 -20.21
CA PRO A 41 -2.02 -16.46 -19.35
C PRO A 41 -2.17 -17.12 -17.98
N GLU A 42 -1.83 -16.35 -16.94
CA GLU A 42 -1.99 -16.76 -15.54
C GLU A 42 -1.05 -17.90 -15.15
N LYS A 43 0.17 -17.93 -15.70
CA LYS A 43 1.14 -18.95 -15.32
C LYS A 43 2.57 -18.45 -15.39
N GLY A 44 2.84 -17.47 -16.24
CA GLY A 44 4.17 -16.90 -16.34
C GLY A 44 4.97 -17.43 -17.51
N LEU A 45 6.28 -17.23 -17.43
CA LEU A 45 7.21 -17.55 -18.51
C LEU A 45 7.66 -19.01 -18.44
N GLU A 46 7.84 -19.63 -19.62
CA GLU A 46 8.20 -21.04 -19.71
C GLU A 46 9.07 -21.28 -20.95
N TRP A 47 10.25 -21.85 -20.76
CA TRP A 47 11.15 -22.12 -21.88
C TRP A 47 10.59 -23.23 -22.77
N VAL A 48 10.88 -23.13 -24.08
CA VAL A 48 10.32 -24.07 -25.05
C VAL A 48 11.42 -24.90 -25.72
N ALA A 49 12.39 -24.23 -26.35
CA ALA A 49 13.40 -24.94 -27.15
C ALA A 49 14.60 -24.03 -27.39
N ASN A 50 15.71 -24.62 -27.83
CA ASN A 50 16.88 -23.87 -28.28
C ASN A 50 17.70 -24.72 -29.26
N ILE A 51 18.74 -24.11 -29.84
CA ILE A 51 19.43 -24.71 -30.98
C ILE A 51 20.85 -24.13 -31.06
N ASN A 52 21.80 -24.95 -31.50
CA ASN A 52 23.20 -24.54 -31.55
C ASN A 52 23.50 -23.75 -32.83
N TYR A 53 24.78 -23.41 -33.01
CA TYR A 53 25.21 -22.50 -34.08
C TYR A 53 24.67 -22.92 -35.45
N ASP A 54 24.88 -24.18 -35.83
CA ASP A 54 24.59 -24.63 -37.19
C ASP A 54 23.36 -25.54 -37.28
N GLY A 55 22.62 -25.69 -36.19
CA GLY A 55 21.41 -26.49 -36.22
C GLY A 55 21.61 -27.99 -36.07
N THR A 56 22.83 -28.45 -35.79
CA THR A 56 23.06 -29.89 -35.66
C THR A 56 22.60 -30.46 -34.32
N SER A 57 22.28 -29.61 -33.33
CA SER A 57 21.77 -30.06 -32.04
C SER A 57 20.60 -29.18 -31.62
N THR A 58 19.53 -29.84 -31.13
CA THR A 58 18.31 -29.16 -30.68
C THR A 58 17.87 -29.78 -29.36
N TYR A 59 17.20 -28.96 -28.54
CA TYR A 59 16.76 -29.36 -27.19
C TYR A 59 15.36 -28.82 -26.92
N TYR A 60 14.53 -29.59 -26.21
CA TYR A 60 13.12 -29.25 -26.02
C TYR A 60 12.69 -29.50 -24.59
N LEU A 61 11.66 -28.75 -24.16
CA LEU A 61 10.97 -29.07 -22.91
C LEU A 61 10.26 -30.42 -23.07
N ASP A 62 10.39 -31.28 -22.06
CA ASP A 62 10.02 -32.69 -22.23
C ASP A 62 8.55 -32.86 -22.61
N SER A 63 7.66 -32.06 -22.02
CA SER A 63 6.25 -32.18 -22.33
C SER A 63 5.88 -31.59 -23.69
N LEU A 64 6.86 -31.07 -24.43
CA LEU A 64 6.62 -30.51 -25.76
C LEU A 64 7.41 -31.19 -26.87
N LYS A 65 8.29 -32.14 -26.52
CA LYS A 65 9.25 -32.66 -27.50
C LYS A 65 8.59 -33.30 -28.71
N SER A 66 7.33 -33.70 -28.60
CA SER A 66 6.65 -34.38 -29.71
C SER A 66 5.84 -33.44 -30.58
N ARG A 67 5.63 -32.19 -30.16
CA ARG A 67 4.74 -31.28 -30.88
C ARG A 67 5.45 -30.07 -31.49
N PHE A 68 6.74 -29.87 -31.23
CA PHE A 68 7.46 -28.66 -31.61
C PHE A 68 8.78 -29.01 -32.28
N ILE A 69 9.15 -28.24 -33.31
CA ILE A 69 10.42 -28.41 -34.02
C ILE A 69 11.03 -27.03 -34.28
N ILE A 70 12.27 -26.84 -33.85
CA ILE A 70 13.01 -25.58 -34.03
C ILE A 70 14.07 -25.77 -35.10
N SER A 71 14.30 -24.74 -35.93
CA SER A 71 15.29 -24.80 -37.00
C SER A 71 15.69 -23.38 -37.39
N ARG A 72 16.70 -23.27 -38.25
CA ARG A 72 17.27 -21.98 -38.59
C ARG A 72 17.89 -21.99 -39.99
N ASP A 73 17.96 -20.80 -40.59
CA ASP A 73 18.54 -20.58 -41.92
C ASP A 73 19.53 -19.43 -41.79
N ASN A 74 20.82 -19.76 -41.69
CA ASN A 74 21.82 -18.77 -41.30
C ASN A 74 22.05 -17.72 -42.38
N ALA A 75 22.01 -18.12 -43.65
CA ALA A 75 22.27 -17.18 -44.73
C ALA A 75 21.15 -16.16 -44.87
N ASN A 76 19.92 -16.51 -44.50
CA ASN A 76 18.78 -15.61 -44.59
C ASN A 76 18.39 -15.00 -43.25
N ASN A 77 19.17 -15.25 -42.19
CA ASN A 77 18.99 -14.58 -40.88
C ASN A 77 17.61 -14.83 -40.27
N ILE A 78 17.19 -16.09 -40.23
CA ILE A 78 15.83 -16.41 -39.79
C ILE A 78 15.80 -17.67 -38.95
N LEU A 79 14.97 -17.65 -37.90
CA LEU A 79 14.72 -18.75 -36.98
C LEU A 79 13.26 -19.17 -37.08
N TYR A 80 13.00 -20.48 -37.01
CA TYR A 80 11.65 -21.02 -37.18
C TYR A 80 11.21 -21.82 -35.96
N LEU A 81 9.90 -21.85 -35.74
CA LEU A 81 9.25 -22.76 -34.80
C LEU A 81 8.02 -23.35 -35.49
N GLN A 82 7.98 -24.67 -35.61
CA GLN A 82 6.86 -25.37 -36.24
C GLN A 82 6.11 -26.16 -35.18
N MET A 83 4.79 -26.00 -35.14
CA MET A 83 3.94 -26.61 -34.14
C MET A 83 2.94 -27.53 -34.82
N SER A 84 2.62 -28.66 -34.18
CA SER A 84 1.64 -29.59 -34.73
C SER A 84 0.89 -30.26 -33.59
N SER A 85 -0.26 -30.84 -33.94
CA SER A 85 -1.14 -31.51 -32.97
C SER A 85 -1.42 -30.61 -31.77
N LEU A 86 -1.71 -29.34 -32.04
CA LEU A 86 -1.78 -28.34 -30.99
C LEU A 86 -2.92 -28.59 -30.02
N LYS A 87 -2.70 -28.24 -28.76
CA LYS A 87 -3.68 -28.30 -27.69
C LYS A 87 -4.06 -26.90 -27.24
N SER A 88 -5.15 -26.83 -26.46
CA SER A 88 -5.55 -25.54 -25.90
C SER A 88 -4.51 -25.02 -24.92
N GLU A 89 -3.77 -25.91 -24.28
CA GLU A 89 -2.73 -25.51 -23.34
C GLU A 89 -1.55 -24.83 -24.03
N ASP A 90 -1.53 -24.78 -25.35
CA ASP A 90 -0.45 -24.14 -26.09
C ASP A 90 -0.72 -22.67 -26.42
N THR A 91 -1.91 -22.17 -26.13
CA THR A 91 -2.21 -20.75 -26.31
C THR A 91 -1.26 -19.90 -25.46
N ALA A 92 -0.54 -18.98 -26.09
CA ALA A 92 0.45 -18.17 -25.38
C ALA A 92 0.99 -17.06 -26.29
N ILE A 93 1.83 -16.21 -25.70
CA ILE A 93 2.66 -15.26 -26.43
C ILE A 93 4.04 -15.89 -26.59
N TYR A 94 4.51 -16.03 -27.83
CA TYR A 94 5.77 -16.70 -28.11
C TYR A 94 6.86 -15.67 -28.44
N TYR A 95 7.96 -15.72 -27.68
CA TYR A 95 9.07 -14.79 -27.86
C TYR A 95 10.29 -15.48 -28.44
N CYS A 96 10.94 -14.80 -29.38
CA CYS A 96 12.26 -15.13 -29.89
C CYS A 96 13.32 -14.54 -28.96
N ALA A 97 14.41 -15.27 -28.72
CA ALA A 97 15.43 -14.76 -27.80
C ALA A 97 16.84 -15.27 -28.14
N ARG A 98 17.82 -14.38 -27.99
CA ARG A 98 19.23 -14.69 -28.26
C ARG A 98 19.95 -15.08 -26.97
N GLU A 99 20.79 -16.11 -27.05
CA GLU A 99 21.56 -16.56 -25.90
C GLU A 99 22.94 -15.91 -25.87
N GLU A 100 23.50 -15.79 -24.66
CA GLU A 100 24.82 -15.19 -24.45
C GLU A 100 25.53 -15.95 -23.34
N GLY A 101 26.87 -15.87 -23.34
CA GLY A 101 27.65 -16.44 -22.26
C GLY A 101 28.81 -17.33 -22.70
N TYR A 102 29.09 -17.35 -24.00
CA TYR A 102 30.10 -18.22 -24.57
C TYR A 102 31.46 -18.00 -23.92
N GLY A 103 32.19 -19.09 -23.71
CA GLY A 103 33.44 -19.04 -22.97
C GLY A 103 33.33 -19.30 -21.49
N ASN A 104 32.14 -19.68 -21.01
CA ASN A 104 31.87 -19.97 -19.61
C ASN A 104 31.02 -21.22 -19.55
N PRO A 105 30.95 -21.87 -18.39
CA PRO A 105 30.07 -23.04 -18.26
C PRO A 105 28.61 -22.69 -18.52
N TYR A 106 27.85 -23.70 -18.94
CA TYR A 106 26.44 -23.49 -19.29
C TYR A 106 25.61 -22.81 -18.21
N PRO A 107 25.75 -23.11 -16.91
CA PRO A 107 24.93 -22.40 -15.90
C PRO A 107 25.11 -20.88 -15.91
N TYR A 108 26.17 -20.37 -16.56
CA TYR A 108 26.40 -18.93 -16.65
C TYR A 108 25.55 -18.26 -17.73
N TRP A 109 25.04 -19.02 -18.71
CA TRP A 109 24.41 -18.43 -19.88
C TRP A 109 23.02 -17.87 -19.56
N TYR A 110 22.62 -16.85 -20.34
CA TYR A 110 21.36 -16.13 -20.14
C TYR A 110 20.85 -15.65 -21.50
N PHE A 111 19.73 -14.91 -21.47
CA PHE A 111 19.10 -14.35 -22.67
C PHE A 111 19.37 -12.85 -22.71
N ASP A 112 20.13 -12.37 -23.70
CA ASP A 112 20.52 -10.96 -23.68
C ASP A 112 19.66 -10.06 -24.57
N VAL A 113 18.93 -10.62 -25.54
CA VAL A 113 18.02 -9.85 -26.39
C VAL A 113 16.75 -10.67 -26.61
N TRP A 114 15.59 -9.99 -26.56
CA TRP A 114 14.29 -10.62 -26.75
C TRP A 114 13.55 -9.96 -27.91
N GLY A 115 12.68 -10.73 -28.56
CA GLY A 115 11.86 -10.23 -29.64
C GLY A 115 10.61 -9.52 -29.15
N THR A 116 9.77 -9.12 -30.11
CA THR A 116 8.55 -8.39 -29.80
C THR A 116 7.40 -9.29 -29.38
N GLY A 117 7.38 -10.54 -29.83
CA GLY A 117 6.35 -11.47 -29.42
C GLY A 117 5.23 -11.60 -30.45
N THR A 118 4.64 -12.78 -30.52
CA THR A 118 3.51 -13.04 -31.40
C THR A 118 2.57 -14.03 -30.70
N THR A 119 1.27 -13.84 -30.91
CA THR A 119 0.24 -14.56 -30.16
C THR A 119 -0.34 -15.69 -30.99
N VAL A 120 -0.43 -16.88 -30.39
CA VAL A 120 -1.02 -18.06 -31.03
C VAL A 120 -2.17 -18.53 -30.16
N THR A 121 -3.35 -18.67 -30.76
CA THR A 121 -4.57 -19.06 -30.07
C THR A 121 -5.10 -20.37 -30.64
N VAL A 122 -5.33 -21.35 -29.78
CA VAL A 122 -5.82 -22.67 -30.18
C VAL A 122 -7.25 -22.78 -29.67
N SER A 123 -8.22 -22.72 -30.59
CA SER A 123 -9.62 -22.69 -30.20
C SER A 123 -10.51 -23.23 -31.31
N SER A 124 -11.68 -23.75 -30.92
CA SER A 124 -12.71 -24.16 -31.84
C SER A 124 -13.68 -23.04 -32.20
N ALA A 125 -13.55 -21.88 -31.57
CA ALA A 125 -14.44 -20.77 -31.84
C ALA A 125 -14.08 -20.08 -33.16
N LYS A 126 -14.99 -19.24 -33.64
CA LYS A 126 -14.82 -18.56 -34.92
C LYS A 126 -14.25 -17.17 -34.72
N THR A 127 -13.49 -16.71 -35.72
CA THR A 127 -12.94 -15.37 -35.69
C THR A 127 -14.04 -14.33 -35.84
N THR A 128 -13.97 -13.28 -35.03
CA THR A 128 -14.97 -12.22 -35.04
C THR A 128 -14.26 -10.87 -35.09
N ALA A 129 -14.59 -10.06 -36.09
CA ALA A 129 -13.99 -8.74 -36.22
C ALA A 129 -14.65 -7.75 -35.25
N PRO A 130 -13.90 -6.78 -34.77
CA PRO A 130 -14.48 -5.80 -33.83
C PRO A 130 -15.20 -4.67 -34.56
N SER A 131 -16.08 -4.02 -33.81
CA SER A 131 -16.65 -2.73 -34.18
C SER A 131 -15.85 -1.63 -33.49
N VAL A 132 -15.59 -0.54 -34.21
CA VAL A 132 -14.77 0.56 -33.72
C VAL A 132 -15.62 1.82 -33.68
N TYR A 133 -15.81 2.38 -32.48
CA TYR A 133 -16.70 3.52 -32.25
C TYR A 133 -15.90 4.72 -31.75
N PRO A 134 -16.02 5.88 -32.39
CA PRO A 134 -15.41 7.09 -31.85
C PRO A 134 -16.26 7.69 -30.74
N LEU A 135 -15.57 8.30 -29.76
CA LEU A 135 -16.21 8.91 -28.59
C LEU A 135 -15.83 10.39 -28.53
N ALA A 136 -16.73 11.26 -28.98
CA ALA A 136 -16.57 12.71 -28.88
C ALA A 136 -17.27 13.24 -27.64
N PRO A 137 -16.85 14.40 -27.13
CA PRO A 137 -17.45 14.92 -25.89
C PRO A 137 -18.94 15.22 -26.05
N VAL A 138 -19.59 15.44 -24.91
CA VAL A 138 -21.01 15.79 -24.91
C VAL A 138 -21.22 17.04 -25.74
N CYS A 139 -22.30 17.07 -26.51
CA CYS A 139 -22.59 18.25 -27.32
C CYS A 139 -22.89 19.45 -26.41
N GLY A 140 -22.82 20.63 -27.01
CA GLY A 140 -22.79 21.88 -26.27
C GLY A 140 -21.39 22.17 -25.74
N GLY A 141 -20.66 21.11 -25.39
CA GLY A 141 -19.28 21.23 -24.99
C GLY A 141 -19.09 21.78 -23.60
N THR A 142 -17.87 21.61 -23.10
CA THR A 142 -17.45 22.17 -21.83
C THR A 142 -16.31 23.15 -22.06
N THR A 143 -16.13 24.06 -21.12
CA THR A 143 -15.00 24.97 -21.16
C THR A 143 -13.77 24.26 -20.60
N GLY A 144 -12.70 25.00 -20.36
CA GLY A 144 -11.47 24.42 -19.91
C GLY A 144 -10.42 24.41 -21.00
N SER A 145 -9.16 24.29 -20.58
CA SER A 145 -8.04 24.32 -21.49
C SER A 145 -7.66 22.94 -22.02
N SER A 146 -8.39 21.89 -21.65
CA SER A 146 -8.09 20.54 -22.09
C SER A 146 -9.37 19.79 -22.39
N VAL A 147 -9.29 18.87 -23.36
CA VAL A 147 -10.42 18.05 -23.77
C VAL A 147 -9.95 16.61 -23.87
N THR A 148 -10.86 15.68 -23.53
CA THR A 148 -10.57 14.25 -23.58
C THR A 148 -11.47 13.60 -24.62
N LEU A 149 -10.88 12.76 -25.46
CA LEU A 149 -11.59 12.00 -26.48
C LEU A 149 -11.37 10.50 -26.25
N GLY A 150 -12.24 9.67 -26.84
CA GLY A 150 -12.19 8.24 -26.59
C GLY A 150 -12.38 7.41 -27.86
N CYS A 151 -12.13 6.11 -27.71
CA CYS A 151 -12.23 5.13 -28.79
C CYS A 151 -12.61 3.78 -28.16
N LEU A 152 -13.65 3.14 -28.70
CA LEU A 152 -14.19 1.91 -28.12
C LEU A 152 -14.14 0.79 -29.15
N VAL A 153 -13.47 -0.30 -28.81
CA VAL A 153 -13.28 -1.45 -29.68
C VAL A 153 -14.03 -2.63 -29.07
N LYS A 154 -15.16 -3.02 -29.68
CA LYS A 154 -16.12 -3.90 -29.03
C LYS A 154 -16.36 -5.17 -29.84
N GLY A 155 -16.28 -6.32 -29.15
CA GLY A 155 -16.75 -7.59 -29.68
C GLY A 155 -15.87 -8.30 -30.68
N TYR A 156 -14.64 -8.67 -30.30
CA TYR A 156 -13.72 -9.32 -31.20
C TYR A 156 -13.17 -10.60 -30.58
N PHE A 157 -12.68 -11.49 -31.45
CA PHE A 157 -12.05 -12.75 -31.06
C PHE A 157 -11.23 -13.23 -32.24
N PRO A 158 -9.98 -13.67 -32.02
CA PRO A 158 -9.32 -13.72 -30.71
C PRO A 158 -8.49 -12.47 -30.43
N GLU A 159 -7.79 -12.47 -29.31
CA GLU A 159 -6.79 -11.44 -29.05
C GLU A 159 -5.60 -11.63 -29.99
N PRO A 160 -4.82 -10.56 -30.24
CA PRO A 160 -5.03 -9.19 -29.76
C PRO A 160 -5.42 -8.21 -30.87
N VAL A 161 -5.63 -6.94 -30.49
CA VAL A 161 -5.74 -5.83 -31.42
C VAL A 161 -4.63 -4.85 -31.09
N THR A 162 -4.32 -3.98 -32.05
CA THR A 162 -3.34 -2.91 -31.87
C THR A 162 -4.03 -1.57 -32.05
N LEU A 163 -3.87 -0.68 -31.08
CA LEU A 163 -4.51 0.63 -31.11
C LEU A 163 -3.45 1.71 -30.95
N THR A 164 -3.48 2.71 -31.83
CA THR A 164 -2.63 3.89 -31.71
C THR A 164 -3.46 5.13 -31.99
N TRP A 165 -2.91 6.28 -31.62
CA TRP A 165 -3.50 7.58 -31.94
C TRP A 165 -2.57 8.32 -32.89
N ASN A 166 -3.13 8.79 -34.00
CA ASN A 166 -2.37 9.49 -35.05
C ASN A 166 -1.10 8.72 -35.43
N SER A 167 -1.27 7.41 -35.62
CA SER A 167 -0.19 6.52 -36.05
C SER A 167 1.01 6.54 -35.11
N GLY A 168 0.77 6.89 -33.84
CA GLY A 168 1.84 6.91 -32.85
C GLY A 168 2.49 8.26 -32.61
N SER A 169 2.06 9.30 -33.33
CA SER A 169 2.60 10.64 -33.12
C SER A 169 2.01 11.33 -31.90
N LEU A 170 0.96 10.77 -31.31
CA LEU A 170 0.42 11.19 -30.02
C LEU A 170 0.80 10.14 -28.99
N SER A 171 1.67 10.51 -28.05
CA SER A 171 2.15 9.59 -27.03
C SER A 171 1.77 10.03 -25.62
N SER A 172 2.00 11.28 -25.26
CA SER A 172 1.63 11.75 -23.93
C SER A 172 0.12 11.97 -23.87
N GLY A 173 -0.45 11.75 -22.68
CA GLY A 173 -1.87 11.92 -22.50
C GLY A 173 -2.73 10.77 -22.98
N VAL A 174 -2.14 9.61 -23.28
CA VAL A 174 -2.87 8.45 -23.77
C VAL A 174 -2.97 7.40 -22.66
N HIS A 175 -4.16 6.82 -22.51
CA HIS A 175 -4.38 5.69 -21.61
C HIS A 175 -5.14 4.61 -22.38
N THR A 176 -4.52 3.43 -22.54
CA THR A 176 -5.15 2.29 -23.17
C THR A 176 -5.37 1.22 -22.13
N PHE A 177 -6.64 0.77 -21.96
CA PHE A 177 -7.05 -0.08 -20.87
C PHE A 177 -7.06 -1.55 -21.29
N PRO A 178 -6.72 -2.45 -20.37
CA PRO A 178 -6.66 -3.88 -20.72
C PRO A 178 -8.02 -4.42 -21.16
N ALA A 179 -8.00 -5.34 -22.11
CA ALA A 179 -9.22 -5.92 -22.64
C ALA A 179 -9.89 -6.84 -21.61
N LEU A 180 -11.22 -6.90 -21.67
CA LEU A 180 -12.02 -7.75 -20.81
C LEU A 180 -12.86 -8.69 -21.65
N LEU A 181 -13.11 -9.88 -21.11
CA LEU A 181 -13.84 -10.94 -21.80
C LEU A 181 -15.27 -11.00 -21.29
N GLN A 182 -16.23 -11.04 -22.22
CA GLN A 182 -17.64 -11.06 -21.87
C GLN A 182 -18.38 -11.92 -22.88
N SER A 183 -18.95 -13.03 -22.40
CA SER A 183 -19.72 -13.96 -23.24
C SER A 183 -18.95 -14.37 -24.48
N GLY A 184 -17.66 -14.63 -24.32
CA GLY A 184 -16.82 -15.15 -25.39
C GLY A 184 -16.15 -14.13 -26.28
N LEU A 185 -16.40 -12.83 -26.08
CA LEU A 185 -15.84 -11.79 -26.92
C LEU A 185 -15.16 -10.73 -26.07
N TYR A 186 -14.10 -10.13 -26.62
CA TYR A 186 -13.30 -9.13 -25.93
C TYR A 186 -13.77 -7.71 -26.26
N THR A 187 -13.42 -6.78 -25.37
CA THR A 187 -13.72 -5.36 -25.55
C THR A 187 -12.60 -4.53 -24.93
N LEU A 188 -12.28 -3.41 -25.57
CA LEU A 188 -11.17 -2.55 -25.17
C LEU A 188 -11.53 -1.09 -25.43
N SER A 189 -11.00 -0.18 -24.61
CA SER A 189 -11.21 1.25 -24.80
C SER A 189 -9.90 1.98 -24.57
N SER A 190 -9.86 3.25 -25.00
CA SER A 190 -8.68 4.09 -24.90
C SER A 190 -9.11 5.55 -24.84
N SER A 191 -8.32 6.38 -24.14
CA SER A 191 -8.60 7.80 -24.04
C SER A 191 -7.34 8.61 -24.34
N VAL A 192 -7.54 9.83 -24.86
CA VAL A 192 -6.44 10.76 -25.11
C VAL A 192 -6.90 12.17 -24.74
N THR A 193 -6.01 12.92 -24.09
CA THR A 193 -6.30 14.26 -23.60
C THR A 193 -5.37 15.26 -24.27
N VAL A 194 -5.95 16.28 -24.90
CA VAL A 194 -5.21 17.32 -25.61
C VAL A 194 -5.74 18.69 -25.19
N THR A 195 -5.03 19.75 -25.61
CA THR A 195 -5.43 21.10 -25.24
C THR A 195 -6.64 21.55 -26.06
N SER A 196 -7.37 22.53 -25.52
CA SER A 196 -8.57 23.03 -26.18
C SER A 196 -8.27 23.64 -27.54
N ASN A 197 -7.06 24.17 -27.72
CA ASN A 197 -6.63 24.70 -29.02
C ASN A 197 -6.07 23.63 -29.94
N THR A 198 -6.19 22.36 -29.59
CA THR A 198 -5.73 21.24 -30.42
C THR A 198 -6.85 20.73 -31.32
N TRP A 199 -7.93 20.24 -30.71
CA TRP A 199 -9.10 19.66 -31.34
C TRP A 199 -10.29 20.59 -31.16
N PRO A 200 -11.09 20.82 -32.22
CA PRO A 200 -11.01 20.20 -33.56
C PRO A 200 -10.21 20.96 -34.63
N SER A 201 -9.28 21.84 -34.27
CA SER A 201 -8.51 22.52 -35.30
C SER A 201 -7.45 21.61 -35.94
N GLN A 202 -7.19 20.44 -35.34
CA GLN A 202 -6.34 19.41 -35.93
C GLN A 202 -7.07 18.08 -35.94
N THR A 203 -6.84 17.30 -36.99
CA THR A 203 -7.47 15.98 -37.09
C THR A 203 -6.86 15.02 -36.06
N ILE A 204 -7.73 14.28 -35.38
CA ILE A 204 -7.33 13.25 -34.41
C ILE A 204 -7.97 11.94 -34.82
N THR A 205 -7.17 10.87 -34.93
CA THR A 205 -7.58 9.62 -35.52
C THR A 205 -7.19 8.43 -34.65
N CYS A 206 -8.15 7.52 -34.44
CA CYS A 206 -7.92 6.26 -33.73
C CYS A 206 -7.61 5.16 -34.76
N ASN A 207 -6.43 4.54 -34.65
CA ASN A 207 -6.00 3.50 -35.59
C ASN A 207 -6.09 2.14 -34.92
N VAL A 208 -6.87 1.23 -35.51
CA VAL A 208 -7.14 -0.09 -34.92
C VAL A 208 -6.89 -1.15 -35.99
N ALA A 209 -6.13 -2.19 -35.62
CA ALA A 209 -5.86 -3.32 -36.51
C ALA A 209 -6.16 -4.62 -35.77
N HIS A 210 -6.76 -5.56 -36.48
CA HIS A 210 -7.04 -6.90 -35.96
C HIS A 210 -6.62 -7.92 -37.02
N PRO A 211 -5.42 -8.50 -36.90
CA PRO A 211 -4.91 -9.36 -37.98
C PRO A 211 -5.76 -10.58 -38.28
N ALA A 212 -6.28 -11.25 -37.24
CA ALA A 212 -6.95 -12.54 -37.46
C ALA A 212 -8.16 -12.41 -38.37
N SER A 213 -8.81 -11.24 -38.38
CA SER A 213 -9.91 -10.97 -39.30
C SER A 213 -9.50 -10.08 -40.45
N SER A 214 -8.21 -9.72 -40.55
CA SER A 214 -7.70 -8.83 -41.58
C SER A 214 -8.47 -7.50 -41.60
N THR A 215 -8.58 -6.90 -40.42
CA THR A 215 -9.29 -5.65 -40.23
C THR A 215 -8.29 -4.52 -39.99
N LYS A 216 -8.48 -3.39 -40.67
CA LYS A 216 -7.66 -2.20 -40.46
C LYS A 216 -8.55 -0.98 -40.64
N VAL A 217 -8.73 -0.20 -39.56
CA VAL A 217 -9.69 0.90 -39.55
C VAL A 217 -9.00 2.16 -39.01
N ASP A 218 -9.33 3.31 -39.59
CA ASP A 218 -8.89 4.62 -39.12
C ASP A 218 -10.13 5.49 -38.88
N LYS A 219 -10.41 5.81 -37.62
CA LYS A 219 -11.63 6.52 -37.22
C LYS A 219 -11.31 7.94 -36.75
N LYS A 220 -11.73 8.92 -37.55
CA LYS A 220 -11.61 10.31 -37.14
C LYS A 220 -12.64 10.64 -36.06
N ILE A 221 -12.24 11.44 -35.08
CA ILE A 221 -13.13 11.91 -34.02
C ILE A 221 -13.78 13.22 -34.46
N GLU A 222 -15.11 13.23 -34.54
CA GLU A 222 -15.87 14.36 -35.08
C GLU A 222 -16.79 14.96 -34.03
N PRO A 223 -17.00 16.29 -34.08
CA PRO A 223 -17.99 16.90 -33.17
C PRO A 223 -19.38 16.35 -33.40
N ARG A 224 -20.15 16.27 -32.30
CA ARG A 224 -21.48 15.68 -32.35
C ARG A 224 -22.49 16.64 -32.98
N VAL A 225 -23.30 16.12 -33.88
CA VAL A 225 -24.38 16.89 -34.50
C VAL A 225 -25.68 16.12 -34.35
N PRO A 226 -26.83 16.79 -34.24
CA PRO A 226 -28.10 16.06 -34.11
C PRO A 226 -28.49 15.38 -35.42
N ILE A 227 -28.85 14.10 -35.32
CA ILE A 227 -29.28 13.31 -36.47
C ILE A 227 -30.62 12.67 -36.13
N THR A 228 -31.54 12.68 -37.09
CA THR A 228 -32.89 12.16 -36.86
C THR A 228 -33.13 10.87 -37.65
N PCA B 1 11.63 -30.51 -12.32
CA PCA B 1 12.20 -29.20 -12.58
CB PCA B 1 11.40 -28.46 -13.65
CG PCA B 1 10.13 -29.26 -13.88
CD PCA B 1 10.39 -30.52 -13.10
OE PCA B 1 9.61 -31.47 -13.13
C PCA B 1 12.26 -28.36 -11.31
O PCA B 1 11.37 -28.42 -10.46
N ILE B 2 13.31 -27.55 -11.18
CA ILE B 2 13.52 -26.71 -10.01
C ILE B 2 12.45 -25.63 -9.91
N VAL B 3 11.88 -25.50 -8.71
CA VAL B 3 10.82 -24.53 -8.41
C VAL B 3 11.47 -23.29 -7.80
N LEU B 4 11.06 -22.12 -8.28
CA LEU B 4 11.62 -20.83 -7.86
C LEU B 4 10.56 -20.01 -7.15
N THR B 5 10.86 -19.55 -5.94
CA THR B 5 9.91 -18.86 -5.07
C THR B 5 10.33 -17.40 -4.89
N GLN B 6 9.60 -16.47 -5.52
CA GLN B 6 9.85 -15.04 -5.37
C GLN B 6 8.93 -14.42 -4.34
N SER B 7 9.48 -13.54 -3.50
CA SER B 7 8.71 -12.84 -2.46
C SER B 7 9.27 -11.43 -2.29
N PRO B 8 8.41 -10.45 -1.98
CA PRO B 8 6.95 -10.62 -1.96
C PRO B 8 6.36 -10.54 -3.35
N ALA B 9 5.10 -10.95 -3.51
CA ALA B 9 4.45 -10.85 -4.81
C ALA B 9 4.27 -9.39 -5.23
N ILE B 10 4.03 -8.49 -4.27
CA ILE B 10 3.89 -7.06 -4.54
C ILE B 10 4.72 -6.30 -3.50
N LEU B 11 5.64 -5.47 -3.97
CA LEU B 11 6.51 -4.69 -3.10
C LEU B 11 6.19 -3.21 -3.28
N SER B 12 5.74 -2.56 -2.21
CA SER B 12 5.34 -1.15 -2.24
C SER B 12 6.28 -0.34 -1.35
N ALA B 13 6.85 0.73 -1.90
CA ALA B 13 7.87 1.48 -1.18
C ALA B 13 7.81 2.95 -1.55
N SER B 14 8.27 3.80 -0.62
CA SER B 14 8.31 5.23 -0.84
C SER B 14 9.60 5.63 -1.56
N PRO B 15 9.56 6.71 -2.35
CA PRO B 15 10.76 7.11 -3.09
C PRO B 15 11.91 7.46 -2.15
N GLY B 16 13.11 6.99 -2.50
CA GLY B 16 14.31 7.29 -1.77
C GLY B 16 14.76 6.19 -0.83
N GLU B 17 13.92 5.21 -0.54
CA GLU B 17 14.29 4.17 0.42
C GLU B 17 14.82 2.94 -0.29
N LYS B 18 15.48 2.09 0.49
CA LYS B 18 16.15 0.89 -0.01
C LYS B 18 15.23 -0.32 0.13
N VAL B 19 15.18 -1.16 -0.91
CA VAL B 19 14.31 -2.33 -0.93
C VAL B 19 15.09 -3.56 -1.37
N THR B 20 14.58 -4.72 -0.98
CA THR B 20 15.18 -6.00 -1.34
C THR B 20 14.07 -7.00 -1.63
N MET B 21 14.16 -7.68 -2.78
CA MET B 21 13.27 -8.78 -3.14
C MET B 21 14.09 -10.06 -3.22
N THR B 22 13.45 -11.20 -2.95
CA THR B 22 14.15 -12.47 -2.76
C THR B 22 13.61 -13.55 -3.70
N CYS B 23 14.49 -14.48 -4.07
CA CYS B 23 14.17 -15.63 -4.93
C CYS B 23 14.84 -16.86 -4.34
N ARG B 24 14.06 -17.83 -3.89
CA ARG B 24 14.58 -19.07 -3.31
C ARG B 24 14.33 -20.25 -4.25
N ALA B 25 15.33 -21.14 -4.35
CA ALA B 25 15.27 -22.29 -5.26
C ALA B 25 15.12 -23.60 -4.48
N SER B 26 14.34 -24.53 -5.05
CA SER B 26 14.08 -25.81 -4.39
C SER B 26 15.31 -26.73 -4.40
N SER B 27 16.27 -26.46 -5.27
CA SER B 27 17.53 -27.18 -5.28
C SER B 27 18.64 -26.19 -5.60
N SER B 28 19.88 -26.56 -5.27
CA SER B 28 20.99 -25.64 -5.39
C SER B 28 21.29 -25.28 -6.84
N VAL B 29 21.64 -24.01 -7.08
CA VAL B 29 22.02 -23.51 -8.40
C VAL B 29 23.26 -22.64 -8.24
N SER B 30 24.02 -22.49 -9.33
CA SER B 30 25.31 -21.82 -9.27
C SER B 30 25.28 -20.38 -9.77
N TYR B 31 24.22 -19.97 -10.47
CA TYR B 31 24.02 -18.56 -10.83
C TYR B 31 22.52 -18.30 -10.93
N MET B 32 22.15 -17.01 -10.78
CA MET B 32 20.78 -16.55 -10.96
C MET B 32 20.76 -15.30 -11.83
N HIS B 33 19.78 -15.21 -12.72
CA HIS B 33 19.62 -14.07 -13.63
C HIS B 33 18.29 -13.36 -13.35
N TRP B 34 18.21 -12.08 -13.73
CA TRP B 34 17.04 -11.24 -13.48
C TRP B 34 16.65 -10.45 -14.73
N TYR B 35 15.34 -10.32 -14.96
CA TYR B 35 14.78 -9.60 -16.10
C TYR B 35 13.66 -8.66 -15.65
N GLN B 36 13.54 -7.52 -16.34
CA GLN B 36 12.50 -6.52 -16.08
C GLN B 36 11.48 -6.52 -17.20
N GLN B 37 10.20 -6.38 -16.83
CA GLN B 37 9.12 -6.30 -17.82
C GLN B 37 8.13 -5.21 -17.43
N LYS B 38 7.84 -4.30 -18.36
CA LYS B 38 6.84 -3.26 -18.22
C LYS B 38 5.62 -3.58 -19.07
N PRO B 39 4.44 -3.06 -18.72
CA PRO B 39 3.22 -3.45 -19.45
C PRO B 39 3.29 -3.09 -20.93
N GLY B 40 2.93 -4.05 -21.77
CA GLY B 40 2.86 -3.84 -23.20
C GLY B 40 4.12 -4.18 -23.97
N SER B 41 5.22 -4.48 -23.30
CA SER B 41 6.47 -4.80 -23.99
C SER B 41 7.05 -6.10 -23.43
N SER B 42 8.13 -6.54 -24.04
CA SER B 42 8.73 -7.84 -23.76
C SER B 42 9.71 -7.74 -22.60
N PRO B 43 10.11 -8.87 -22.02
CA PRO B 43 11.12 -8.84 -20.96
C PRO B 43 12.45 -8.31 -21.48
N LYS B 44 13.30 -7.88 -20.53
CA LYS B 44 14.58 -7.25 -20.82
C LYS B 44 15.61 -7.72 -19.81
N SER B 45 16.81 -8.06 -20.30
CA SER B 45 17.90 -8.47 -19.41
C SER B 45 18.28 -7.33 -18.47
N TRP B 46 18.34 -7.61 -17.18
CA TRP B 46 18.59 -6.59 -16.16
C TRP B 46 19.84 -6.89 -15.34
N ILE B 47 19.93 -8.09 -14.75
CA ILE B 47 21.14 -8.57 -14.10
C ILE B 47 21.46 -9.95 -14.65
N TYR B 48 22.75 -10.22 -14.88
CA TYR B 48 23.15 -11.52 -15.39
C TYR B 48 24.30 -12.07 -14.55
N ALA B 49 24.31 -13.41 -14.40
CA ALA B 49 25.31 -14.12 -13.62
C ALA B 49 25.43 -13.55 -12.21
N THR B 50 24.28 -13.46 -11.54
CA THR B 50 24.11 -13.11 -10.12
C THR B 50 24.29 -11.62 -9.83
N SER B 51 25.35 -10.98 -10.35
CA SER B 51 25.64 -9.63 -9.88
C SER B 51 26.10 -8.65 -10.96
N ASN B 52 26.08 -9.02 -12.23
CA ASN B 52 26.54 -8.11 -13.28
C ASN B 52 25.37 -7.35 -13.89
N LEU B 53 25.52 -6.03 -14.01
CA LEU B 53 24.47 -5.18 -14.56
C LEU B 53 24.51 -5.20 -16.09
N ALA B 54 23.33 -5.28 -16.70
CA ALA B 54 23.23 -5.16 -18.14
C ALA B 54 23.47 -3.71 -18.57
N SER B 55 23.65 -3.52 -19.87
CA SER B 55 23.93 -2.20 -20.40
C SER B 55 22.75 -1.26 -20.19
N GLY B 56 23.04 -0.07 -19.67
CA GLY B 56 22.02 0.95 -19.44
C GLY B 56 21.36 0.90 -18.08
N VAL B 57 21.59 -0.13 -17.29
CA VAL B 57 20.92 -0.27 -15.99
C VAL B 57 21.61 0.64 -14.97
N PRO B 58 20.85 1.42 -14.19
CA PRO B 58 21.48 2.34 -13.25
C PRO B 58 22.17 1.61 -12.11
N THR B 59 23.26 2.21 -11.62
CA THR B 59 24.06 1.59 -10.57
C THR B 59 23.36 1.57 -9.21
N ARG B 60 22.13 2.09 -9.11
CA ARG B 60 21.35 1.90 -7.89
C ARG B 60 20.95 0.44 -7.69
N PHE B 61 20.98 -0.36 -8.75
CA PHE B 61 20.64 -1.78 -8.68
C PHE B 61 21.88 -2.62 -8.35
N SER B 62 21.63 -3.75 -7.69
CA SER B 62 22.68 -4.72 -7.40
C SER B 62 22.03 -6.08 -7.15
N GLY B 63 22.85 -7.13 -7.17
CA GLY B 63 22.35 -8.47 -6.94
C GLY B 63 23.37 -9.33 -6.22
N SER B 64 22.87 -10.33 -5.50
CA SER B 64 23.72 -11.17 -4.65
C SER B 64 23.04 -12.51 -4.41
N GLY B 65 23.78 -13.42 -3.77
CA GLY B 65 23.25 -14.69 -3.33
C GLY B 65 24.15 -15.86 -3.70
N SER B 66 23.74 -17.04 -3.26
CA SER B 66 24.42 -18.30 -3.57
C SER B 66 23.54 -19.47 -3.11
N GLY B 67 23.83 -20.65 -3.66
CA GLY B 67 23.14 -21.87 -3.26
C GLY B 67 21.66 -21.92 -3.58
N THR B 68 20.82 -21.80 -2.54
CA THR B 68 19.38 -21.84 -2.69
C THR B 68 18.70 -20.50 -2.39
N SER B 69 19.46 -19.39 -2.30
CA SER B 69 18.86 -18.11 -1.92
C SER B 69 19.59 -16.96 -2.57
N TYR B 70 18.88 -16.20 -3.42
CA TYR B 70 19.43 -15.07 -4.14
C TYR B 70 18.52 -13.85 -3.96
N SER B 71 19.04 -12.66 -4.28
CA SER B 71 18.28 -11.43 -4.03
C SER B 71 18.70 -10.33 -4.99
N LEU B 72 17.81 -9.34 -5.12
CA LEU B 72 18.03 -8.12 -5.91
C LEU B 72 17.69 -6.92 -5.04
N THR B 73 18.57 -5.91 -5.04
CA THR B 73 18.44 -4.76 -4.14
C THR B 73 18.52 -3.45 -4.91
N ILE B 74 17.68 -2.49 -4.52
CA ILE B 74 17.71 -1.13 -5.06
C ILE B 74 18.09 -0.19 -3.92
N SER B 75 19.11 0.65 -4.14
CA SER B 75 19.61 1.50 -3.07
C SER B 75 18.63 2.62 -2.73
N ARG B 76 18.12 3.32 -3.75
CA ARG B 76 17.18 4.43 -3.57
C ARG B 76 16.18 4.37 -4.72
N VAL B 77 14.96 3.89 -4.43
CA VAL B 77 13.99 3.64 -5.49
C VAL B 77 13.54 4.95 -6.11
N GLU B 78 13.17 4.88 -7.39
CA GLU B 78 12.68 6.02 -8.16
C GLU B 78 11.43 5.62 -8.92
N ALA B 79 10.69 6.63 -9.38
CA ALA B 79 9.40 6.38 -10.03
C ALA B 79 9.54 5.50 -11.27
N GLU B 80 10.64 5.62 -12.01
CA GLU B 80 10.81 4.84 -13.23
C GLU B 80 11.14 3.38 -12.97
N ASP B 81 11.36 2.99 -11.72
CA ASP B 81 11.63 1.60 -11.37
C ASP B 81 10.39 0.72 -11.35
N ALA B 82 9.20 1.31 -11.46
CA ALA B 82 7.96 0.56 -11.33
C ALA B 82 7.82 -0.45 -12.48
N ALA B 83 7.78 -1.73 -12.15
CA ALA B 83 7.78 -2.81 -13.13
C ALA B 83 7.67 -4.16 -12.42
N THR B 84 7.64 -5.25 -13.17
CA THR B 84 7.73 -6.61 -12.63
C THR B 84 9.11 -7.18 -12.92
N TYR B 85 9.68 -7.89 -11.93
CA TYR B 85 11.03 -8.44 -12.01
C TYR B 85 10.98 -9.96 -11.82
N TYR B 86 11.61 -10.71 -12.75
CA TYR B 86 11.61 -12.16 -12.75
C TYR B 86 13.03 -12.71 -12.55
N CYS B 87 13.16 -13.79 -11.78
CA CYS B 87 14.42 -14.52 -11.68
C CYS B 87 14.36 -15.79 -12.53
N GLN B 88 15.55 -16.30 -12.89
CA GLN B 88 15.67 -17.45 -13.78
C GLN B 88 16.95 -18.21 -13.46
N GLN B 89 16.86 -19.54 -13.49
CA GLN B 89 18.01 -20.43 -13.32
C GLN B 89 18.26 -21.22 -14.61
N ARG B 90 19.53 -21.47 -14.91
CA ARG B 90 19.92 -22.30 -16.04
C ARG B 90 20.95 -23.35 -15.61
N SER B 91 20.87 -23.82 -14.36
CA SER B 91 21.79 -24.82 -13.83
C SER B 91 21.29 -26.24 -13.98
N SER B 92 19.99 -26.44 -14.15
CA SER B 92 19.39 -27.76 -14.25
C SER B 92 18.44 -27.79 -15.44
N ASN B 93 18.40 -28.92 -16.15
CA ASN B 93 17.50 -29.02 -17.29
C ASN B 93 16.14 -29.53 -16.83
N PRO B 94 15.04 -28.82 -17.15
CA PRO B 94 14.97 -27.60 -17.96
C PRO B 94 15.18 -26.32 -17.15
N ARG B 95 15.62 -25.25 -17.82
CA ARG B 95 15.70 -23.95 -17.18
C ARG B 95 14.29 -23.47 -16.80
N THR B 96 14.20 -22.67 -15.73
CA THR B 96 12.90 -22.27 -15.19
C THR B 96 12.91 -20.81 -14.76
N PHE B 97 11.71 -20.22 -14.72
CA PHE B 97 11.50 -18.82 -14.32
C PHE B 97 10.65 -18.74 -13.05
N GLY B 98 10.90 -17.73 -12.23
CA GLY B 98 10.08 -17.46 -11.08
C GLY B 98 8.75 -16.79 -11.44
N GLY B 99 7.95 -16.54 -10.40
CA GLY B 99 6.62 -16.00 -10.59
C GLY B 99 6.55 -14.48 -10.68
N GLY B 100 7.61 -13.78 -10.32
CA GLY B 100 7.70 -12.34 -10.47
C GLY B 100 7.40 -11.58 -9.19
N THR B 101 8.02 -10.40 -9.05
CA THR B 101 7.72 -9.44 -8.00
C THR B 101 7.40 -8.10 -8.65
N LYS B 102 6.20 -7.58 -8.38
CA LYS B 102 5.78 -6.28 -8.93
C LYS B 102 6.11 -5.17 -7.94
N LEU B 103 6.85 -4.17 -8.41
CA LEU B 103 7.29 -3.05 -7.59
C LEU B 103 6.37 -1.85 -7.81
N GLU B 104 5.76 -1.36 -6.72
CA GLU B 104 4.93 -0.16 -6.74
C GLU B 104 5.64 0.96 -5.97
N ILE B 105 5.55 2.18 -6.50
CA ILE B 105 6.21 3.35 -5.92
C ILE B 105 5.15 4.29 -5.37
N LYS B 106 5.25 4.63 -4.08
CA LYS B 106 4.26 5.47 -3.42
C LYS B 106 4.42 6.94 -3.82
N ARG B 107 3.32 7.68 -3.73
CA ARG B 107 3.31 9.12 -3.97
C ARG B 107 2.18 9.76 -3.15
N ALA B 108 2.07 11.08 -3.25
CA ALA B 108 0.99 11.77 -2.55
C ALA B 108 -0.36 11.42 -3.17
N ASP B 109 -1.39 11.42 -2.32
CA ASP B 109 -2.73 11.09 -2.79
C ASP B 109 -3.20 12.07 -3.85
N ALA B 110 -3.92 11.56 -4.85
CA ALA B 110 -4.40 12.37 -5.96
C ALA B 110 -5.81 11.95 -6.35
N ALA B 111 -6.68 12.94 -6.60
CA ALA B 111 -8.05 12.70 -7.04
C ALA B 111 -8.11 12.50 -8.56
N PRO B 112 -9.11 11.77 -9.06
CA PRO B 112 -9.19 11.50 -10.49
C PRO B 112 -9.75 12.65 -11.31
N THR B 113 -9.42 12.62 -12.61
CA THR B 113 -10.00 13.49 -13.61
C THR B 113 -11.04 12.69 -14.39
N VAL B 114 -12.31 13.09 -14.27
CA VAL B 114 -13.45 12.30 -14.74
C VAL B 114 -14.04 12.88 -16.01
N SER B 115 -14.38 12.01 -16.96
CA SER B 115 -14.98 12.38 -18.24
C SER B 115 -16.01 11.35 -18.65
N ILE B 116 -17.17 11.82 -19.13
CA ILE B 116 -18.29 10.95 -19.49
C ILE B 116 -18.62 11.10 -20.98
N PHE B 117 -19.05 9.99 -21.61
CA PHE B 117 -19.30 9.97 -23.05
C PHE B 117 -20.59 9.23 -23.40
N PRO B 118 -21.53 9.90 -24.06
CA PRO B 118 -22.75 9.20 -24.53
C PRO B 118 -22.44 8.23 -25.66
N PRO B 119 -23.37 7.33 -25.99
CA PRO B 119 -23.14 6.41 -27.11
C PRO B 119 -22.93 7.16 -28.42
N SER B 120 -22.13 6.56 -29.30
CA SER B 120 -21.89 7.16 -30.61
C SER B 120 -23.06 6.91 -31.55
N SER B 121 -23.19 7.78 -32.54
CA SER B 121 -24.26 7.64 -33.53
C SER B 121 -24.15 6.33 -34.28
N GLU B 122 -22.92 5.86 -34.52
CA GLU B 122 -22.75 4.61 -35.25
C GLU B 122 -23.25 3.41 -34.46
N GLN B 123 -23.04 3.41 -33.14
CA GLN B 123 -23.49 2.28 -32.33
C GLN B 123 -25.01 2.30 -32.17
N LEU B 124 -25.60 3.48 -32.02
CA LEU B 124 -27.06 3.58 -31.93
C LEU B 124 -27.72 3.13 -33.23
N THR B 125 -27.08 3.38 -34.37
CA THR B 125 -27.60 2.90 -35.64
C THR B 125 -27.53 1.37 -35.72
N SER B 126 -26.55 0.77 -35.06
CA SER B 126 -26.40 -0.69 -35.07
C SER B 126 -27.31 -1.37 -34.06
N GLY B 127 -27.85 -0.64 -33.09
CA GLY B 127 -28.83 -1.19 -32.16
C GLY B 127 -28.39 -1.25 -30.71
N GLY B 128 -27.15 -0.86 -30.39
CA GLY B 128 -26.65 -0.88 -29.04
C GLY B 128 -26.49 0.53 -28.47
N ALA B 129 -26.08 0.58 -27.21
CA ALA B 129 -25.87 1.85 -26.53
C ALA B 129 -24.95 1.61 -25.33
N SER B 130 -23.71 2.06 -25.43
CA SER B 130 -22.74 1.98 -24.34
C SER B 130 -22.41 3.38 -23.86
N VAL B 131 -22.43 3.56 -22.53
CA VAL B 131 -22.04 4.81 -21.89
C VAL B 131 -20.71 4.58 -21.17
N VAL B 132 -19.74 5.46 -21.40
CA VAL B 132 -18.38 5.25 -20.96
C VAL B 132 -17.96 6.38 -20.02
N CYS B 133 -17.22 6.02 -18.98
CA CYS B 133 -16.71 6.98 -18.02
C CYS B 133 -15.22 6.71 -17.79
N PHE B 134 -14.39 7.75 -17.90
CA PHE B 134 -12.94 7.66 -17.71
C PHE B 134 -12.55 8.33 -16.39
N LEU B 135 -11.84 7.60 -15.53
CA LEU B 135 -11.32 8.12 -14.27
C LEU B 135 -9.80 8.04 -14.33
N ASN B 136 -9.14 9.18 -14.51
CA ASN B 136 -7.73 9.21 -14.94
C ASN B 136 -6.80 9.85 -13.91
N ASN B 137 -5.62 9.25 -13.76
CA ASN B 137 -4.48 9.82 -13.03
C ASN B 137 -4.81 10.09 -11.57
N PHE B 138 -5.04 9.00 -10.83
CA PHE B 138 -5.33 9.08 -9.40
C PHE B 138 -4.43 8.14 -8.62
N TYR B 139 -4.42 8.31 -7.29
CA TYR B 139 -3.66 7.46 -6.38
C TYR B 139 -4.26 7.59 -4.99
N PRO B 140 -4.42 6.49 -4.23
CA PRO B 140 -4.06 5.10 -4.53
C PRO B 140 -5.06 4.36 -5.43
N LYS B 141 -4.78 3.07 -5.65
CA LYS B 141 -5.46 2.31 -6.71
C LYS B 141 -6.94 2.08 -6.41
N ASP B 142 -7.33 2.02 -5.14
CA ASP B 142 -8.71 1.70 -4.78
C ASP B 142 -9.64 2.86 -5.11
N ILE B 143 -10.78 2.54 -5.73
CA ILE B 143 -11.75 3.57 -6.14
C ILE B 143 -13.07 2.88 -6.43
N ASN B 144 -14.16 3.63 -6.29
CA ASN B 144 -15.51 3.13 -6.56
C ASN B 144 -16.21 4.01 -7.59
N VAL B 145 -17.05 3.38 -8.41
CA VAL B 145 -17.86 4.09 -9.41
C VAL B 145 -19.30 3.62 -9.29
N LYS B 146 -20.23 4.56 -9.39
CA LYS B 146 -21.66 4.28 -9.32
C LYS B 146 -22.37 4.97 -10.48
N TRP B 147 -23.25 4.23 -11.15
CA TRP B 147 -24.03 4.76 -12.26
C TRP B 147 -25.46 5.07 -11.82
N LYS B 148 -26.03 6.16 -12.33
CA LYS B 148 -27.40 6.55 -12.05
C LYS B 148 -28.11 6.92 -13.34
N ILE B 149 -29.34 6.43 -13.51
CA ILE B 149 -30.16 6.71 -14.67
C ILE B 149 -31.47 7.32 -14.18
N ASP B 150 -31.76 8.54 -14.62
CA ASP B 150 -32.93 9.29 -14.17
C ASP B 150 -33.00 9.35 -12.64
N GLY B 151 -31.83 9.33 -11.99
CA GLY B 151 -31.74 9.46 -10.56
C GLY B 151 -31.68 8.16 -9.78
N SER B 152 -31.90 7.02 -10.44
CA SER B 152 -31.96 5.73 -9.77
C SER B 152 -30.70 4.92 -10.09
N GLU B 153 -30.14 4.28 -9.07
CA GLU B 153 -28.91 3.53 -9.23
C GLU B 153 -29.11 2.31 -10.12
N ARG B 154 -28.12 2.04 -10.96
CA ARG B 154 -28.13 0.90 -11.87
C ARG B 154 -26.86 0.10 -11.67
N GLN B 155 -27.01 -1.22 -11.51
CA GLN B 155 -25.89 -2.09 -11.19
C GLN B 155 -25.60 -3.15 -12.26
N ASN B 156 -26.58 -3.51 -13.08
CA ASN B 156 -26.38 -4.54 -14.10
C ASN B 156 -25.80 -3.91 -15.36
N GLY B 157 -24.80 -4.58 -15.94
CA GLY B 157 -24.21 -4.14 -17.19
C GLY B 157 -23.03 -3.21 -17.06
N VAL B 158 -22.28 -3.29 -15.96
CA VAL B 158 -21.12 -2.44 -15.72
C VAL B 158 -19.87 -3.29 -15.76
N LEU B 159 -18.86 -2.84 -16.52
CA LEU B 159 -17.57 -3.50 -16.59
C LEU B 159 -16.47 -2.47 -16.38
N ASN B 160 -15.52 -2.79 -15.50
CA ASN B 160 -14.45 -1.89 -15.12
C ASN B 160 -13.09 -2.51 -15.43
N SER B 161 -12.12 -1.68 -15.83
CA SER B 161 -10.79 -2.15 -16.18
C SER B 161 -9.75 -1.13 -15.72
N TRP B 162 -8.77 -1.60 -14.94
CA TRP B 162 -7.70 -0.78 -14.37
C TRP B 162 -6.41 -0.93 -15.17
N THR B 163 -5.64 0.16 -15.25
CA THR B 163 -4.29 0.09 -15.78
C THR B 163 -3.31 -0.29 -14.67
N ASP B 164 -2.06 -0.52 -15.07
CA ASP B 164 -0.97 -0.63 -14.11
C ASP B 164 -0.37 0.76 -13.87
N GLN B 165 0.56 0.83 -12.91
CA GLN B 165 1.08 2.13 -12.48
C GLN B 165 1.89 2.81 -13.58
N ASP B 166 1.67 4.11 -13.73
CA ASP B 166 2.40 4.92 -14.70
C ASP B 166 3.81 5.20 -14.20
N SER B 167 4.81 4.91 -15.04
CA SER B 167 6.20 5.04 -14.62
C SER B 167 6.69 6.48 -14.64
N LYS B 168 5.90 7.44 -15.12
CA LYS B 168 6.27 8.85 -15.11
C LYS B 168 5.75 9.61 -13.89
N ASP B 169 4.48 9.43 -13.54
CA ASP B 169 3.91 10.15 -12.41
C ASP B 169 3.32 9.27 -11.31
N SER B 170 3.50 7.94 -11.40
CA SER B 170 3.12 6.98 -10.37
C SER B 170 1.61 6.89 -10.12
N THR B 171 0.78 7.23 -11.10
CA THR B 171 -0.67 7.18 -10.92
C THR B 171 -1.28 5.98 -11.62
N TYR B 172 -2.58 5.78 -11.38
CA TYR B 172 -3.40 4.74 -12.00
C TYR B 172 -4.58 5.39 -12.72
N SER B 173 -5.20 4.59 -13.60
CA SER B 173 -6.39 5.02 -14.33
C SER B 173 -7.34 3.85 -14.46
N MET B 174 -8.62 4.16 -14.72
CA MET B 174 -9.65 3.14 -14.78
C MET B 174 -10.77 3.58 -15.72
N SER B 175 -11.32 2.62 -16.46
CA SER B 175 -12.42 2.86 -17.39
C SER B 175 -13.64 2.04 -16.97
N SER B 176 -14.82 2.64 -17.08
CA SER B 176 -16.06 1.99 -16.68
C SER B 176 -17.10 2.14 -17.80
N THR B 177 -17.72 1.02 -18.18
CA THR B 177 -18.66 0.99 -19.30
C THR B 177 -19.99 0.41 -18.87
N LEU B 178 -21.07 1.13 -19.15
CA LEU B 178 -22.44 0.70 -18.88
C LEU B 178 -23.14 0.44 -20.20
N THR B 179 -23.59 -0.81 -20.41
CA THR B 179 -24.14 -1.24 -21.69
C THR B 179 -25.65 -1.39 -21.60
N LEU B 180 -26.35 -0.81 -22.58
CA LEU B 180 -27.81 -0.88 -22.68
C LEU B 180 -28.20 -1.17 -24.12
N THR B 181 -29.47 -1.48 -24.33
CA THR B 181 -30.01 -1.56 -25.68
C THR B 181 -30.41 -0.16 -26.15
N LYS B 182 -30.62 -0.02 -27.46
CA LYS B 182 -30.96 1.29 -28.01
C LYS B 182 -32.28 1.79 -27.45
N ASP B 183 -33.31 0.93 -27.44
CA ASP B 183 -34.62 1.36 -26.96
C ASP B 183 -34.59 1.66 -25.46
N GLU B 184 -33.87 0.84 -24.69
CA GLU B 184 -33.72 1.10 -23.27
C GLU B 184 -33.05 2.44 -23.01
N TYR B 185 -32.04 2.78 -23.82
CA TYR B 185 -31.38 4.08 -23.69
C TYR B 185 -32.32 5.22 -24.09
N GLU B 186 -33.19 4.98 -25.07
CA GLU B 186 -34.06 6.03 -25.56
C GLU B 186 -35.24 6.31 -24.63
N ARG B 187 -35.46 5.51 -23.60
CA ARG B 187 -36.58 5.69 -22.70
C ARG B 187 -36.25 6.54 -21.48
N HIS B 188 -34.98 6.93 -21.30
CA HIS B 188 -34.56 7.73 -20.15
C HIS B 188 -33.74 8.91 -20.65
N ASN B 189 -33.48 9.85 -19.74
CA ASN B 189 -32.92 11.14 -20.13
C ASN B 189 -31.57 11.43 -19.46
N SER B 190 -31.49 11.41 -18.14
CA SER B 190 -30.27 11.78 -17.44
C SER B 190 -29.43 10.56 -17.11
N TYR B 191 -28.11 10.70 -17.31
CA TYR B 191 -27.15 9.62 -17.10
C TYR B 191 -25.96 10.17 -16.34
N THR B 192 -25.59 9.52 -15.23
CA THR B 192 -24.65 10.08 -14.28
C THR B 192 -23.59 9.05 -13.89
N CYS B 193 -22.33 9.51 -13.82
CA CYS B 193 -21.19 8.72 -13.38
C CYS B 193 -20.61 9.38 -12.14
N GLU B 194 -20.55 8.63 -11.03
CA GLU B 194 -20.11 9.16 -9.74
C GLU B 194 -18.88 8.39 -9.25
N ALA B 195 -17.81 9.11 -8.94
CA ALA B 195 -16.55 8.52 -8.51
C ALA B 195 -16.26 8.90 -7.07
N THR B 196 -16.08 7.90 -6.22
CA THR B 196 -15.75 8.10 -4.81
C THR B 196 -14.34 7.57 -4.55
N HIS B 197 -13.47 8.45 -4.05
CA HIS B 197 -12.06 8.14 -3.80
C HIS B 197 -11.71 8.64 -2.40
N LYS B 198 -10.65 8.08 -1.82
CA LYS B 198 -10.29 8.44 -0.45
C LYS B 198 -9.89 9.89 -0.28
N THR B 199 -9.68 10.62 -1.39
CA THR B 199 -9.27 12.02 -1.31
C THR B 199 -10.39 12.95 -0.86
N SER B 200 -11.64 12.50 -0.85
CA SER B 200 -12.73 13.36 -0.42
C SER B 200 -13.95 12.52 -0.07
N THR B 201 -14.73 13.01 0.91
CA THR B 201 -15.98 12.35 1.26
C THR B 201 -17.02 12.52 0.16
N SER B 202 -17.03 13.68 -0.51
CA SER B 202 -18.01 13.85 -1.57
C SER B 202 -17.47 13.28 -2.87
N PRO B 203 -18.34 12.71 -3.70
CA PRO B 203 -17.90 12.14 -4.98
C PRO B 203 -17.71 13.21 -6.05
N ILE B 204 -16.99 12.82 -7.10
CA ILE B 204 -16.90 13.62 -8.32
C ILE B 204 -17.98 13.15 -9.28
N VAL B 205 -18.82 14.08 -9.72
CA VAL B 205 -20.03 13.75 -10.48
C VAL B 205 -19.95 14.36 -11.87
N LYS B 206 -20.23 13.54 -12.89
CA LYS B 206 -20.34 13.98 -14.27
C LYS B 206 -21.60 13.37 -14.89
N SER B 207 -22.32 14.16 -15.67
CA SER B 207 -23.60 13.69 -16.20
C SER B 207 -23.98 14.46 -17.46
N PHE B 208 -24.96 13.93 -18.18
CA PHE B 208 -25.53 14.58 -19.35
C PHE B 208 -26.99 14.19 -19.49
N ASN B 209 -27.71 14.95 -20.31
CA ASN B 209 -29.10 14.69 -20.63
C ASN B 209 -29.23 14.29 -22.10
N ARG B 210 -30.04 13.26 -22.35
CA ARG B 210 -30.05 12.64 -23.67
C ARG B 210 -30.58 13.57 -24.75
N ASN B 211 -31.57 14.40 -24.42
CA ASN B 211 -32.26 15.19 -25.44
C ASN B 211 -31.68 16.59 -25.63
N GLU B 212 -30.75 17.02 -24.77
CA GLU B 212 -30.18 18.34 -24.95
C GLU B 212 -29.24 18.36 -26.15
N CYS B 213 -29.08 19.54 -26.73
CA CYS B 213 -28.30 19.80 -27.95
C CYS B 213 -28.38 18.67 -29.00
N TYR C 8 40.09 -1.50 -13.02
CA TYR C 8 39.14 -0.77 -13.85
C TYR C 8 37.84 -1.52 -14.03
N SER C 9 36.85 -0.86 -14.62
CA SER C 9 35.56 -1.45 -14.91
C SER C 9 35.45 -1.82 -16.38
N MET C 10 34.52 -2.72 -16.68
CA MET C 10 34.35 -3.22 -18.04
C MET C 10 33.62 -2.20 -18.91
N CYS C 11 34.05 -2.12 -20.18
CA CYS C 11 33.37 -1.26 -21.13
C CYS C 11 31.98 -1.79 -21.44
N ASP C 12 31.14 -0.92 -22.00
CA ASP C 12 29.82 -1.33 -22.48
C ASP C 12 29.98 -2.16 -23.74
N LYS C 13 29.47 -3.40 -23.72
CA LYS C 13 29.68 -4.32 -24.83
C LYS C 13 28.94 -3.92 -26.09
N THR C 14 27.99 -2.98 -26.01
CA THR C 14 27.15 -2.62 -27.15
C THR C 14 27.68 -1.41 -27.92
N LYS C 15 28.87 -0.90 -27.59
CA LYS C 15 29.34 0.34 -28.19
C LYS C 15 30.67 0.17 -28.91
N PHE C 16 30.93 -1.01 -29.46
CA PHE C 16 32.17 -1.29 -30.18
C PHE C 16 31.95 -1.33 -31.69
N LYS C 17 33.02 -1.06 -32.43
CA LYS C 17 33.03 -1.11 -33.88
C LYS C 17 34.39 -1.62 -34.35
N TRP C 18 34.39 -2.45 -35.39
CA TRP C 18 35.65 -2.91 -35.96
C TRP C 18 36.40 -1.74 -36.60
N LYS C 19 37.68 -1.62 -36.28
CA LYS C 19 38.58 -0.67 -36.93
C LYS C 19 39.51 -1.36 -37.91
N ARG C 20 40.05 -2.52 -37.53
CA ARG C 20 40.76 -3.41 -38.43
C ARG C 20 40.36 -4.84 -38.08
N VAL C 21 39.75 -5.55 -39.01
CA VAL C 21 39.23 -6.90 -38.76
C VAL C 21 40.40 -7.86 -38.53
N PRO C 22 40.17 -8.99 -37.85
CA PRO C 22 41.30 -9.89 -37.55
C PRO C 22 41.98 -10.41 -38.80
N VAL C 23 43.32 -10.39 -38.76
CA VAL C 23 44.15 -10.92 -39.84
C VAL C 23 45.35 -11.66 -39.22
N ASP C 24 46.00 -12.47 -40.05
CA ASP C 24 47.18 -13.21 -39.61
C ASP C 24 48.37 -12.28 -39.41
N SER C 25 49.08 -12.46 -38.30
CA SER C 25 50.16 -11.55 -37.94
C SER C 25 51.48 -11.88 -38.61
N GLY C 26 51.66 -13.11 -39.09
CA GLY C 26 52.91 -13.56 -39.64
C GLY C 26 53.75 -14.40 -38.71
N HIS C 27 53.31 -14.57 -37.46
CA HIS C 27 54.00 -15.41 -36.48
C HIS C 27 52.99 -16.22 -35.68
N ASP C 28 52.00 -16.78 -36.37
CA ASP C 28 51.02 -17.71 -35.78
C ASP C 28 50.18 -17.07 -34.68
N THR C 29 49.88 -15.77 -34.82
CA THR C 29 48.93 -15.08 -33.94
C THR C 29 47.94 -14.29 -34.81
N VAL C 30 46.95 -13.71 -34.15
CA VAL C 30 45.88 -12.94 -34.80
C VAL C 30 45.82 -11.57 -34.17
N VAL C 31 45.77 -10.52 -35.00
CA VAL C 31 45.75 -9.14 -34.53
C VAL C 31 44.51 -8.43 -35.08
N MET C 32 44.04 -7.43 -34.33
CA MET C 32 42.81 -6.70 -34.67
C MET C 32 42.80 -5.38 -33.92
N GLU C 33 41.92 -4.47 -34.37
CA GLU C 33 41.76 -3.15 -33.74
C GLU C 33 40.28 -2.74 -33.75
N VAL C 34 39.85 -2.15 -32.63
CA VAL C 34 38.45 -1.73 -32.45
C VAL C 34 38.42 -0.26 -32.02
N SER C 35 37.21 0.31 -32.05
CA SER C 35 36.96 1.66 -31.56
C SER C 35 35.74 1.64 -30.65
N TYR C 36 35.64 2.67 -29.79
CA TYR C 36 34.65 2.69 -28.73
C TYR C 36 34.01 4.06 -28.63
N THR C 37 32.68 4.09 -28.47
CA THR C 37 31.92 5.34 -28.44
C THR C 37 31.32 5.63 -27.07
N GLY C 38 31.62 4.84 -26.05
CA GLY C 38 31.13 5.12 -24.73
C GLY C 38 31.92 6.22 -24.03
N SER C 39 31.31 6.79 -22.99
CA SER C 39 31.93 7.87 -22.24
C SER C 39 32.43 7.43 -20.87
N ASP C 40 32.36 6.14 -20.55
CA ASP C 40 32.85 5.62 -19.28
C ASP C 40 34.30 5.15 -19.43
N LYS C 41 35.15 6.06 -19.91
CA LYS C 41 36.54 5.75 -20.21
C LYS C 41 37.47 6.30 -19.13
N PRO C 42 38.60 5.62 -18.86
CA PRO C 42 39.03 4.36 -19.46
C PRO C 42 38.31 3.13 -18.90
N CYS C 43 38.35 2.02 -19.65
CA CYS C 43 37.63 0.81 -19.26
C CYS C 43 38.29 -0.40 -19.90
N ARG C 44 37.96 -1.58 -19.38
CA ARG C 44 38.53 -2.85 -19.82
C ARG C 44 37.67 -3.47 -20.93
N ILE C 45 38.34 -4.02 -21.93
CA ILE C 45 37.68 -4.63 -23.08
C ILE C 45 37.40 -6.10 -22.81
N PRO C 46 36.17 -6.58 -22.98
CA PRO C 46 35.89 -8.02 -22.84
C PRO C 46 36.26 -8.77 -24.11
N VAL C 47 37.09 -9.81 -23.96
CA VAL C 47 37.59 -10.59 -25.08
C VAL C 47 37.45 -12.08 -24.75
N ARG C 48 36.89 -12.85 -25.70
CA ARG C 48 36.74 -14.28 -25.56
C ARG C 48 36.92 -14.94 -26.92
N ALA C 49 37.18 -16.25 -26.90
CA ALA C 49 37.19 -17.06 -28.13
C ALA C 49 36.89 -18.50 -27.76
N VAL C 50 36.17 -19.19 -28.64
CA VAL C 50 35.79 -20.59 -28.42
C VAL C 50 36.08 -21.41 -29.66
N ALA C 51 36.35 -22.69 -29.43
CA ALA C 51 36.29 -23.66 -30.53
C ALA C 51 34.84 -23.86 -30.93
N HIS C 52 34.60 -24.01 -32.23
CA HIS C 52 33.23 -24.04 -32.74
C HIS C 52 32.41 -25.14 -32.08
N GLY C 53 33.03 -26.30 -31.82
CA GLY C 53 32.34 -27.41 -31.19
C GLY C 53 32.25 -27.38 -29.68
N VAL C 54 33.03 -26.54 -29.01
CA VAL C 54 33.07 -26.49 -27.55
C VAL C 54 32.86 -25.05 -27.08
N PRO C 55 31.63 -24.56 -27.00
CA PRO C 55 31.40 -23.13 -26.72
C PRO C 55 31.47 -22.74 -25.25
N THR C 56 31.84 -23.65 -24.33
CA THR C 56 31.89 -23.33 -22.92
C THR C 56 33.30 -23.04 -22.41
N ILE C 57 34.32 -23.10 -23.27
CA ILE C 57 35.72 -23.02 -22.86
C ILE C 57 36.41 -21.90 -23.63
N ASN C 58 37.03 -20.98 -22.89
CA ASN C 58 37.73 -19.86 -23.50
C ASN C 58 39.15 -20.28 -23.91
N VAL C 59 39.50 -20.03 -25.16
CA VAL C 59 40.80 -20.43 -25.71
C VAL C 59 41.59 -19.25 -26.26
N ALA C 60 41.21 -18.02 -25.91
CA ALA C 60 41.91 -16.85 -26.41
C ALA C 60 43.12 -16.57 -25.54
N MET C 61 44.30 -17.04 -25.97
CA MET C 61 45.54 -16.80 -25.24
C MET C 61 46.08 -15.43 -25.66
N LEU C 62 45.95 -14.44 -24.78
CA LEU C 62 46.23 -13.06 -25.14
C LEU C 62 47.73 -12.77 -25.13
N ILE C 63 48.19 -12.03 -26.15
CA ILE C 63 49.53 -11.49 -26.15
C ILE C 63 49.55 -10.07 -25.59
N THR C 64 48.47 -9.31 -25.80
CA THR C 64 48.31 -8.00 -25.17
C THR C 64 47.58 -8.19 -23.84
N PRO C 65 48.25 -7.95 -22.71
CA PRO C 65 47.58 -8.18 -21.42
C PRO C 65 46.63 -7.04 -21.08
N ASN C 66 45.42 -7.41 -20.67
CA ASN C 66 44.36 -6.48 -20.27
C ASN C 66 44.16 -5.37 -21.30
N PRO C 67 43.62 -5.67 -22.47
CA PRO C 67 43.37 -4.61 -23.45
C PRO C 67 42.39 -3.57 -22.89
N THR C 68 42.65 -2.31 -23.20
CA THR C 68 41.98 -1.19 -22.53
C THR C 68 41.73 -0.07 -23.51
N ILE C 69 40.54 0.54 -23.41
CA ILE C 69 40.23 1.78 -24.13
C ILE C 69 40.59 2.95 -23.21
N GLU C 70 41.53 3.78 -23.65
CA GLU C 70 41.95 4.92 -22.86
C GLU C 70 41.02 6.11 -23.12
N THR C 71 41.37 7.28 -22.57
CA THR C 71 40.58 8.48 -22.80
C THR C 71 40.74 9.04 -24.21
N SER C 72 41.62 8.44 -25.02
CA SER C 72 41.69 8.72 -26.44
C SER C 72 42.20 7.47 -27.14
N GLY C 73 42.04 7.44 -28.46
CA GLY C 73 42.50 6.30 -29.24
C GLY C 73 41.57 5.11 -29.17
N GLY C 74 41.95 4.06 -29.88
CA GLY C 74 41.19 2.83 -29.97
C GLY C 74 41.74 1.71 -29.11
N GLY C 75 41.60 0.48 -29.60
CA GLY C 75 42.10 -0.69 -28.89
C GLY C 75 42.80 -1.68 -29.80
N PHE C 76 43.95 -2.20 -29.37
CA PHE C 76 44.73 -3.17 -30.11
C PHE C 76 44.74 -4.48 -29.35
N ILE C 77 44.39 -5.58 -30.03
CA ILE C 77 44.25 -6.89 -29.42
C ILE C 77 44.99 -7.92 -30.26
N GLU C 78 45.76 -8.80 -29.60
CA GLU C 78 46.45 -9.89 -30.26
C GLU C 78 46.29 -11.17 -29.45
N MET C 79 46.02 -12.28 -30.13
CA MET C 79 45.74 -13.54 -29.46
C MET C 79 46.24 -14.70 -30.31
N GLN C 80 46.41 -15.85 -29.64
CA GLN C 80 46.76 -17.10 -30.29
C GLN C 80 45.63 -18.09 -30.10
N LEU C 81 45.32 -18.84 -31.16
CA LEU C 81 44.18 -19.75 -31.16
C LEU C 81 44.60 -21.15 -31.56
N PRO C 82 43.93 -22.17 -31.02
CA PRO C 82 44.27 -23.55 -31.39
C PRO C 82 43.79 -23.87 -32.81
N PRO C 83 44.33 -24.92 -33.43
CA PRO C 83 43.94 -25.23 -34.82
C PRO C 83 42.47 -25.60 -34.92
N GLY C 84 41.89 -25.27 -36.07
CA GLY C 84 40.51 -25.60 -36.35
C GLY C 84 39.64 -24.37 -36.49
N ASP C 85 38.34 -24.61 -36.43
CA ASP C 85 37.33 -23.55 -36.56
C ASP C 85 37.06 -22.92 -35.20
N ASN C 86 37.16 -21.60 -35.14
CA ASN C 86 36.97 -20.85 -33.89
C ASN C 86 36.08 -19.64 -34.14
N ILE C 87 35.60 -19.05 -33.05
CA ILE C 87 34.82 -17.82 -33.09
C ILE C 87 35.37 -16.86 -32.05
N ILE C 88 35.67 -15.62 -32.46
CA ILE C 88 36.19 -14.58 -31.58
C ILE C 88 35.04 -13.67 -31.17
N TYR C 89 34.97 -13.32 -29.89
CA TYR C 89 33.99 -12.38 -29.37
C TYR C 89 34.70 -11.20 -28.72
N VAL C 90 34.36 -9.99 -29.16
CA VAL C 90 34.83 -8.74 -28.53
C VAL C 90 33.59 -7.89 -28.28
N GLY C 91 33.09 -7.92 -27.05
CA GLY C 91 31.83 -7.25 -26.77
C GLY C 91 30.70 -7.89 -27.55
N ASP C 92 29.95 -7.08 -28.29
CA ASP C 92 28.96 -7.58 -29.24
C ASP C 92 29.54 -7.93 -30.60
N LEU C 93 30.80 -7.58 -30.86
CA LEU C 93 31.43 -7.92 -32.13
C LEU C 93 31.86 -9.39 -32.14
N SER C 94 31.84 -9.99 -33.34
CA SER C 94 32.18 -11.40 -33.48
C SER C 94 32.87 -11.61 -34.83
N GLN C 95 33.62 -12.72 -34.92
CA GLN C 95 34.37 -13.01 -36.13
C GLN C 95 34.77 -14.49 -36.16
N GLN C 96 34.59 -15.11 -37.33
CA GLN C 96 35.04 -16.47 -37.56
C GLN C 96 36.54 -16.49 -37.85
N TRP C 97 37.23 -17.52 -37.35
CA TRP C 97 38.66 -17.66 -37.62
C TRP C 97 39.04 -19.13 -37.67
N PHE C 98 39.64 -19.55 -38.78
CA PHE C 98 40.17 -20.90 -38.95
C PHE C 98 41.69 -20.86 -38.80
N GLN C 99 42.21 -21.66 -37.86
CA GLN C 99 43.64 -21.63 -37.51
C GLN C 99 44.36 -22.83 -38.10
N LYS C 100 45.59 -22.60 -38.54
CA LYS C 100 46.45 -23.63 -39.16
C LYS C 100 45.80 -24.21 -40.41
N GLU D 1 8.38 10.64 12.45
CA GLU D 1 8.25 9.94 13.72
C GLU D 1 7.85 8.48 13.51
N VAL D 2 7.91 7.69 14.58
CA VAL D 2 7.48 6.30 14.51
C VAL D 2 5.96 6.24 14.48
N LYS D 3 5.42 5.47 13.54
CA LYS D 3 3.97 5.33 13.39
C LYS D 3 3.60 3.88 13.14
N LEU D 4 2.40 3.51 13.59
CA LEU D 4 1.83 2.18 13.38
C LEU D 4 0.35 2.35 13.06
N VAL D 5 -0.07 1.96 11.86
CA VAL D 5 -1.41 2.23 11.35
C VAL D 5 -2.09 0.91 11.04
N GLU D 6 -3.22 0.63 11.71
CA GLU D 6 -3.94 -0.62 11.59
C GLU D 6 -4.99 -0.58 10.47
N SER D 7 -5.43 -1.77 10.07
CA SER D 7 -6.42 -1.94 9.02
C SER D 7 -7.84 -1.74 9.58
N GLU D 8 -8.85 -2.08 8.77
CA GLU D 8 -10.22 -1.64 9.04
C GLU D 8 -10.93 -2.51 10.07
N GLY D 9 -10.75 -3.83 10.03
CA GLY D 9 -11.45 -4.71 10.96
C GLY D 9 -12.88 -5.02 10.51
N GLY D 10 -13.81 -5.16 11.47
CA GLY D 10 -15.21 -5.27 11.13
C GLY D 10 -15.87 -6.46 11.81
N LEU D 11 -16.97 -6.91 11.21
CA LEU D 11 -17.86 -7.90 11.80
C LEU D 11 -17.66 -9.27 11.16
N VAL D 12 -17.68 -10.32 11.98
CA VAL D 12 -17.49 -11.70 11.53
C VAL D 12 -18.45 -12.61 12.30
N GLN D 13 -18.90 -13.68 11.62
CA GLN D 13 -19.81 -14.64 12.24
C GLN D 13 -19.05 -15.61 13.15
N PRO D 14 -19.70 -16.08 14.22
CA PRO D 14 -19.05 -17.06 15.10
C PRO D 14 -18.64 -18.32 14.34
N GLY D 15 -17.36 -18.65 14.43
CA GLY D 15 -16.80 -19.81 13.76
C GLY D 15 -16.03 -19.51 12.50
N SER D 16 -16.05 -18.26 12.03
CA SER D 16 -15.40 -17.89 10.78
C SER D 16 -14.00 -17.33 11.06
N SER D 17 -13.40 -16.66 10.09
CA SER D 17 -12.02 -16.19 10.18
C SER D 17 -11.92 -14.73 9.75
N MET D 18 -10.82 -14.09 10.16
CA MET D 18 -10.51 -12.73 9.73
C MET D 18 -9.02 -12.47 9.94
N LYS D 19 -8.47 -11.58 9.11
CA LYS D 19 -7.07 -11.20 9.17
C LYS D 19 -6.97 -9.68 9.23
N VAL D 20 -6.17 -9.18 10.17
CA VAL D 20 -5.92 -7.74 10.30
C VAL D 20 -4.42 -7.51 10.14
N SER D 21 -4.06 -6.25 9.82
CA SER D 21 -2.68 -5.90 9.52
C SER D 21 -2.35 -4.56 10.17
N CYS D 22 -1.05 -4.26 10.17
CA CYS D 22 -0.51 -3.06 10.82
C CYS D 22 0.73 -2.62 10.04
N THR D 23 0.70 -1.40 9.51
CA THR D 23 1.77 -0.89 8.64
C THR D 23 2.65 0.08 9.40
N ALA D 24 3.96 -0.17 9.38
CA ALA D 24 4.92 0.59 10.17
C ALA D 24 5.74 1.54 9.29
N SER D 25 6.13 2.66 9.86
CA SER D 25 6.97 3.63 9.16
C SER D 25 7.72 4.48 10.17
N GLY D 26 8.84 5.03 9.73
CA GLY D 26 9.66 5.89 10.56
C GLY D 26 10.80 5.21 11.28
N PHE D 27 10.98 3.90 11.06
CA PHE D 27 12.06 3.14 11.68
C PHE D 27 12.29 1.90 10.85
N THR D 28 13.38 1.19 11.16
CA THR D 28 13.74 -0.05 10.45
C THR D 28 12.98 -1.20 11.08
N PHE D 29 11.92 -1.64 10.39
CA PHE D 29 10.95 -2.59 10.96
C PHE D 29 11.61 -3.90 11.38
N SER D 30 12.56 -4.39 10.59
CA SER D 30 13.14 -5.72 10.82
C SER D 30 14.06 -5.80 12.03
N HIS D 31 14.27 -4.71 12.77
CA HIS D 31 15.18 -4.71 13.90
C HIS D 31 14.46 -4.70 15.25
N TYR D 32 13.17 -5.03 15.28
CA TYR D 32 12.39 -4.98 16.51
C TYR D 32 11.42 -6.15 16.61
N TYR D 33 11.29 -6.71 17.81
CA TYR D 33 10.18 -7.61 18.13
C TYR D 33 8.87 -6.82 18.13
N MET D 34 7.77 -7.50 17.77
CA MET D 34 6.45 -6.87 17.65
C MET D 34 5.40 -7.74 18.32
N ALA D 35 4.27 -7.13 18.70
CA ALA D 35 3.25 -7.80 19.51
C ALA D 35 1.85 -7.31 19.18
N TRP D 36 0.85 -8.07 19.66
CA TRP D 36 -0.56 -7.70 19.61
C TRP D 36 -1.16 -7.74 21.01
N VAL D 37 -1.99 -6.74 21.34
CA VAL D 37 -2.65 -6.60 22.63
C VAL D 37 -4.09 -6.16 22.39
N ARG D 38 -5.04 -6.69 23.17
CA ARG D 38 -6.45 -6.38 22.97
C ARG D 38 -7.09 -5.80 24.24
N GLN D 39 -8.14 -4.99 24.03
CA GLN D 39 -8.81 -4.26 25.10
C GLN D 39 -10.31 -4.45 24.97
N VAL D 40 -10.94 -4.93 26.03
CA VAL D 40 -12.40 -5.03 26.11
C VAL D 40 -12.90 -3.88 26.98
N PRO D 41 -13.84 -3.07 26.51
CA PRO D 41 -14.34 -1.96 27.31
C PRO D 41 -14.83 -2.42 28.67
N GLU D 42 -14.34 -1.74 29.72
CA GLU D 42 -14.68 -2.04 31.11
C GLU D 42 -14.17 -3.42 31.54
N LYS D 43 -13.04 -3.86 30.97
CA LYS D 43 -12.40 -5.11 31.40
C LYS D 43 -10.88 -5.06 31.37
N GLY D 44 -10.25 -4.10 30.70
CA GLY D 44 -8.81 -3.95 30.75
C GLY D 44 -8.11 -4.56 29.56
N LEU D 45 -6.78 -4.62 29.69
CA LEU D 45 -5.89 -5.02 28.61
C LEU D 45 -5.41 -6.46 28.80
N GLU D 46 -5.18 -7.14 27.68
CA GLU D 46 -4.80 -8.55 27.68
C GLU D 46 -3.84 -8.81 26.54
N TRP D 47 -2.66 -9.35 26.84
CA TRP D 47 -1.67 -9.66 25.82
C TRP D 47 -2.09 -10.88 25.00
N VAL D 48 -1.79 -10.86 23.70
CA VAL D 48 -2.23 -11.89 22.77
C VAL D 48 -1.04 -12.71 22.23
N ALA D 49 -0.08 -12.04 21.58
CA ALA D 49 1.03 -12.74 20.94
C ALA D 49 2.17 -11.77 20.66
N ASN D 50 3.36 -12.34 20.37
CA ASN D 50 4.49 -11.55 19.89
C ASN D 50 5.39 -12.44 19.01
N ILE D 51 6.37 -11.79 18.35
CA ILE D 51 7.14 -12.44 17.28
C ILE D 51 8.54 -11.81 17.22
N ASN D 52 9.56 -12.64 16.94
CA ASN D 52 10.94 -12.18 16.94
C ASN D 52 11.29 -11.48 15.61
N TYR D 53 12.57 -11.12 15.47
CA TYR D 53 13.04 -10.28 14.37
C TYR D 53 12.59 -10.82 13.01
N ASP D 54 12.85 -12.10 12.75
CA ASP D 54 12.65 -12.68 11.43
C ASP D 54 11.45 -13.63 11.35
N GLY D 55 10.68 -13.75 12.43
CA GLY D 55 9.50 -14.60 12.40
C GLY D 55 9.77 -16.08 12.62
N THR D 56 10.96 -16.46 13.07
CA THR D 56 11.26 -17.87 13.30
C THR D 56 10.80 -18.36 14.67
N SER D 57 10.44 -17.46 15.58
CA SER D 57 9.90 -17.81 16.89
C SER D 57 8.66 -16.96 17.15
N THR D 58 7.58 -17.62 17.60
CA THR D 58 6.32 -16.97 17.92
C THR D 58 5.81 -17.48 19.27
N TYR D 59 5.08 -16.62 19.98
CA TYR D 59 4.59 -16.95 21.32
C TYR D 59 3.17 -16.43 21.48
N TYR D 60 2.34 -17.17 22.22
CA TYR D 60 0.92 -16.88 22.33
C TYR D 60 0.44 -17.02 23.77
N LEU D 61 -0.65 -16.33 24.07
CA LEU D 61 -1.41 -16.62 25.28
C LEU D 61 -2.01 -18.02 25.15
N ASP D 62 -1.81 -18.84 26.19
CA ASP D 62 -2.07 -20.28 26.06
C ASP D 62 -3.49 -20.57 25.60
N SER D 63 -4.48 -19.84 26.13
CA SER D 63 -5.86 -20.08 25.73
C SER D 63 -6.19 -19.57 24.32
N LEU D 64 -5.22 -19.12 23.52
CA LEU D 64 -5.48 -18.65 22.17
C LEU D 64 -4.61 -19.32 21.12
N LYS D 65 -3.70 -20.21 21.52
CA LYS D 65 -2.67 -20.70 20.61
C LYS D 65 -3.23 -21.43 19.40
N SER D 66 -4.46 -21.96 19.49
CA SER D 66 -5.02 -22.74 18.40
C SER D 66 -5.80 -21.90 17.40
N ARG D 67 -6.18 -20.66 17.74
CA ARG D 67 -7.04 -19.86 16.90
C ARG D 67 -6.38 -18.59 16.38
N PHE D 68 -5.15 -18.29 16.78
CA PHE D 68 -4.45 -17.07 16.36
C PHE D 68 -3.09 -17.42 15.79
N ILE D 69 -2.67 -16.67 14.77
CA ILE D 69 -1.36 -16.81 14.16
C ILE D 69 -0.81 -15.41 13.88
N ILE D 70 0.38 -15.11 14.40
CA ILE D 70 1.06 -13.84 14.14
C ILE D 70 2.15 -14.07 13.10
N SER D 71 2.33 -13.11 12.19
CA SER D 71 3.35 -13.21 11.15
C SER D 71 3.76 -11.81 10.71
N ARG D 72 4.82 -11.73 9.90
CA ARG D 72 5.35 -10.43 9.48
C ARG D 72 5.98 -10.52 8.09
N ASP D 73 5.94 -9.39 7.37
CA ASP D 73 6.52 -9.24 6.03
C ASP D 73 7.54 -8.10 6.13
N ASN D 74 8.82 -8.45 6.22
CA ASN D 74 9.85 -7.45 6.46
C ASN D 74 10.22 -6.66 5.21
N ALA D 75 9.78 -7.09 4.02
CA ALA D 75 10.04 -6.30 2.82
C ALA D 75 9.06 -5.14 2.68
N ASN D 76 7.80 -5.36 3.09
CA ASN D 76 6.76 -4.35 3.03
C ASN D 76 6.52 -3.67 4.38
N ASN D 77 7.24 -4.07 5.43
CA ASN D 77 7.12 -3.48 6.77
C ASN D 77 5.69 -3.61 7.32
N ILE D 78 5.16 -4.84 7.29
CA ILE D 78 3.78 -5.09 7.72
C ILE D 78 3.74 -6.26 8.70
N LEU D 79 2.88 -6.13 9.72
CA LEU D 79 2.63 -7.17 10.72
C LEU D 79 1.18 -7.65 10.58
N TYR D 80 0.97 -8.95 10.69
CA TYR D 80 -0.34 -9.55 10.49
C TYR D 80 -0.80 -10.32 11.74
N LEU D 81 -2.12 -10.49 11.85
CA LEU D 81 -2.73 -11.38 12.82
C LEU D 81 -3.91 -12.07 12.15
N GLN D 82 -3.86 -13.40 12.06
CA GLN D 82 -4.89 -14.22 11.45
C GLN D 82 -5.68 -14.95 12.53
N MET D 83 -7.00 -14.75 12.55
CA MET D 83 -7.87 -15.34 13.55
C MET D 83 -8.82 -16.33 12.87
N SER D 84 -9.14 -17.42 13.55
CA SER D 84 -10.03 -18.44 13.00
C SER D 84 -10.81 -19.10 14.12
N SER D 85 -11.93 -19.74 13.74
CA SER D 85 -12.82 -20.41 14.69
C SER D 85 -13.23 -19.45 15.81
N LEU D 86 -13.55 -18.22 15.44
CA LEU D 86 -13.72 -17.14 16.41
C LEU D 86 -14.94 -17.35 17.30
N LYS D 87 -14.81 -16.93 18.55
CA LYS D 87 -15.88 -16.96 19.54
C LYS D 87 -16.26 -15.53 19.91
N SER D 88 -17.43 -15.39 20.55
CA SER D 88 -17.88 -14.06 20.96
C SER D 88 -16.97 -13.45 22.02
N GLU D 89 -16.26 -14.27 22.79
CA GLU D 89 -15.31 -13.78 23.77
C GLU D 89 -14.11 -13.09 23.13
N ASP D 90 -13.98 -13.13 21.81
CA ASP D 90 -12.86 -12.51 21.11
C ASP D 90 -13.17 -11.10 20.62
N THR D 91 -14.41 -10.63 20.78
CA THR D 91 -14.76 -9.25 20.45
C THR D 91 -13.92 -8.29 21.29
N ALA D 92 -13.19 -7.39 20.62
CA ALA D 92 -12.29 -6.48 21.31
C ALA D 92 -11.71 -5.48 20.33
N ILE D 93 -11.02 -4.47 20.88
CA ILE D 93 -10.17 -3.57 20.12
C ILE D 93 -8.75 -4.12 20.15
N TYR D 94 -8.16 -4.32 18.97
CA TYR D 94 -6.83 -4.92 18.85
C TYR D 94 -5.81 -3.85 18.51
N TYR D 95 -4.72 -3.80 19.30
CA TYR D 95 -3.60 -2.88 19.08
C TYR D 95 -2.34 -3.66 18.68
N CYS D 96 -1.60 -3.13 17.70
CA CYS D 96 -0.22 -3.54 17.50
C CYS D 96 0.70 -2.65 18.34
N ALA D 97 1.85 -3.20 18.74
CA ALA D 97 2.77 -2.50 19.62
C ALA D 97 4.21 -2.95 19.37
N ARG D 98 5.14 -2.01 19.50
CA ARG D 98 6.57 -2.28 19.31
C ARG D 98 7.23 -2.55 20.65
N GLU D 99 8.07 -3.58 20.70
CA GLU D 99 8.78 -3.93 21.93
C GLU D 99 10.15 -3.27 21.96
N GLU D 100 10.65 -3.08 23.18
CA GLU D 100 11.94 -2.43 23.41
C GLU D 100 12.57 -3.05 24.64
N GLY D 101 13.91 -2.99 24.70
CA GLY D 101 14.63 -3.46 25.86
C GLY D 101 15.84 -4.31 25.53
N TYR D 102 16.20 -4.36 24.25
CA TYR D 102 17.27 -5.23 23.78
C TYR D 102 18.58 -4.93 24.49
N GLY D 103 19.32 -5.98 24.84
CA GLY D 103 20.50 -5.86 25.66
C GLY D 103 20.27 -5.99 27.15
N ASN D 104 19.08 -6.37 27.57
CA ASN D 104 18.73 -6.57 28.97
C ASN D 104 17.92 -7.84 29.09
N PRO D 105 17.83 -8.42 30.29
CA PRO D 105 16.96 -9.59 30.49
C PRO D 105 15.49 -9.26 30.18
N TYR D 106 14.74 -10.31 29.87
CA TYR D 106 13.36 -10.13 29.43
C TYR D 106 12.47 -9.35 30.40
N PRO D 107 12.54 -9.53 31.74
CA PRO D 107 11.67 -8.74 32.63
C PRO D 107 11.75 -7.24 32.41
N TYR D 108 12.84 -6.77 31.82
CA TYR D 108 13.05 -5.35 31.57
C TYR D 108 12.24 -4.83 30.37
N TRP D 109 11.81 -5.71 29.48
CA TRP D 109 11.23 -5.28 28.21
C TRP D 109 9.83 -4.68 28.39
N TYR D 110 9.47 -3.77 27.47
CA TYR D 110 8.19 -3.06 27.54
C TYR D 110 7.73 -2.71 26.12
N PHE D 111 6.62 -1.98 26.03
CA PHE D 111 6.04 -1.51 24.76
C PHE D 111 6.24 0.00 24.64
N ASP D 112 7.00 0.45 23.64
CA ASP D 112 7.30 1.88 23.59
C ASP D 112 6.44 2.67 22.61
N VAL D 113 5.79 2.02 21.64
CA VAL D 113 4.91 2.69 20.69
C VAL D 113 3.70 1.80 20.43
N TRP D 114 2.50 2.39 20.48
CA TRP D 114 1.26 1.68 20.23
C TRP D 114 0.58 2.20 18.96
N GLY D 115 -0.20 1.33 18.32
CA GLY D 115 -0.93 1.70 17.13
C GLY D 115 -2.26 2.38 17.45
N THR D 116 -3.03 2.62 16.39
CA THR D 116 -4.31 3.32 16.54
C THR D 116 -5.45 2.40 16.97
N GLY D 117 -5.35 1.11 16.71
CA GLY D 117 -6.36 0.14 17.12
C GLY D 117 -7.41 -0.10 16.05
N THR D 118 -7.95 -1.32 16.05
CA THR D 118 -9.01 -1.71 15.12
C THR D 118 -9.97 -2.66 15.83
N THR D 119 -11.26 -2.52 15.53
CA THR D 119 -12.32 -3.23 16.25
C THR D 119 -12.76 -4.47 15.49
N VAL D 120 -12.75 -5.62 16.16
CA VAL D 120 -13.23 -6.89 15.61
C VAL D 120 -14.42 -7.34 16.46
N THR D 121 -15.55 -7.56 15.80
CA THR D 121 -16.80 -7.94 16.48
C THR D 121 -17.27 -9.29 15.96
N VAL D 122 -17.52 -10.22 16.87
CA VAL D 122 -17.96 -11.57 16.54
C VAL D 122 -19.41 -11.69 16.97
N SER D 123 -20.32 -11.81 16.00
CA SER D 123 -21.75 -11.81 16.30
C SER D 123 -22.53 -12.43 15.16
N SER D 124 -23.74 -12.89 15.46
CA SER D 124 -24.67 -13.43 14.48
C SER D 124 -25.58 -12.37 13.87
N ALA D 125 -25.49 -11.12 14.32
CA ALA D 125 -26.32 -10.07 13.78
C ALA D 125 -25.79 -9.57 12.45
N LYS D 126 -26.58 -8.75 11.77
CA LYS D 126 -26.24 -8.22 10.46
C LYS D 126 -25.70 -6.80 10.58
N THR D 127 -24.88 -6.41 9.60
CA THR D 127 -24.36 -5.06 9.55
C THR D 127 -25.47 -4.08 9.20
N THR D 128 -25.57 -2.98 9.95
CA THR D 128 -26.58 -1.96 9.74
C THR D 128 -25.92 -0.60 9.68
N ALA D 129 -26.20 0.14 8.60
CA ALA D 129 -25.65 1.49 8.44
C ALA D 129 -26.45 2.49 9.28
N PRO D 130 -25.79 3.54 9.77
CA PRO D 130 -26.49 4.53 10.59
C PRO D 130 -27.25 5.55 9.75
N SER D 131 -28.21 6.20 10.39
CA SER D 131 -28.82 7.42 9.90
C SER D 131 -28.24 8.60 10.68
N VAL D 132 -27.94 9.69 9.96
CA VAL D 132 -27.31 10.87 10.55
C VAL D 132 -28.29 12.03 10.46
N TYR D 133 -28.65 12.60 11.62
CA TYR D 133 -29.68 13.63 11.70
C TYR D 133 -29.08 14.93 12.21
N PRO D 134 -29.20 16.04 11.48
CA PRO D 134 -28.74 17.33 12.00
C PRO D 134 -29.73 17.92 13.01
N LEU D 135 -29.18 18.61 14.01
CA LEU D 135 -29.97 19.18 15.11
C LEU D 135 -29.72 20.68 15.20
N ALA D 136 -30.62 21.48 14.60
CA ALA D 136 -30.59 22.93 14.68
C ALA D 136 -31.39 23.42 15.88
N PRO D 137 -31.12 24.62 16.40
CA PRO D 137 -31.79 25.07 17.61
C PRO D 137 -33.30 25.22 17.41
N VAL D 138 -33.98 25.47 18.54
CA VAL D 138 -35.43 25.60 18.52
C VAL D 138 -35.85 26.73 17.56
N CYS D 139 -37.05 26.59 17.01
CA CYS D 139 -37.53 27.54 16.01
C CYS D 139 -37.61 28.94 16.59
N GLY D 140 -37.01 29.90 15.89
CA GLY D 140 -36.88 31.25 16.40
C GLY D 140 -35.60 31.51 17.15
N GLY D 141 -34.96 30.48 17.71
CA GLY D 141 -33.70 30.64 18.38
C GLY D 141 -33.84 30.85 19.88
N THR D 142 -32.67 30.99 20.51
CA THR D 142 -32.57 31.25 21.94
C THR D 142 -31.82 32.56 22.16
N THR D 143 -31.96 33.11 23.35
CA THR D 143 -31.21 34.30 23.72
C THR D 143 -29.78 33.92 24.10
N GLY D 144 -28.94 34.93 24.28
CA GLY D 144 -27.55 34.73 24.61
C GLY D 144 -26.64 35.01 23.41
N SER D 145 -25.35 35.08 23.71
CA SER D 145 -24.34 35.43 22.71
C SER D 145 -23.66 34.21 22.10
N SER D 146 -24.14 33.01 22.41
CA SER D 146 -23.58 31.78 21.86
C SER D 146 -24.71 30.87 21.38
N VAL D 147 -24.38 29.96 20.46
CA VAL D 147 -25.33 29.01 19.92
C VAL D 147 -24.73 27.61 19.97
N THR D 148 -25.58 26.63 20.23
CA THR D 148 -25.16 25.23 20.32
C THR D 148 -25.90 24.42 19.28
N LEU D 149 -25.17 23.59 18.52
CA LEU D 149 -25.72 22.71 17.50
C LEU D 149 -25.44 21.25 17.87
N GLY D 150 -26.21 20.34 17.27
CA GLY D 150 -26.10 18.93 17.58
C GLY D 150 -26.12 18.05 16.34
N CYS D 151 -25.78 16.78 16.54
CA CYS D 151 -25.74 15.76 15.50
C CYS D 151 -26.08 14.42 16.14
N LEU D 152 -27.06 13.71 15.59
CA LEU D 152 -27.55 12.44 16.14
C LEU D 152 -27.28 11.31 15.16
N VAL D 153 -26.57 10.28 15.61
CA VAL D 153 -26.19 9.13 14.79
C VAL D 153 -26.88 7.89 15.37
N LYS D 154 -27.88 7.37 14.65
CA LYS D 154 -28.83 6.42 15.24
C LYS D 154 -28.93 5.13 14.44
N GLY D 155 -28.90 4.00 15.14
CA GLY D 155 -29.25 2.71 14.59
C GLY D 155 -28.20 2.01 13.74
N TYR D 156 -27.00 1.79 14.29
CA TYR D 156 -25.93 1.16 13.55
C TYR D 156 -25.38 -0.04 14.31
N PHE D 157 -24.69 -0.92 13.57
CA PHE D 157 -24.04 -2.11 14.10
C PHE D 157 -23.07 -2.67 13.06
N PRO D 158 -21.84 -3.03 13.45
CA PRO D 158 -21.32 -2.94 14.81
C PRO D 158 -20.64 -1.59 15.07
N GLU D 159 -19.93 -1.50 16.19
CA GLU D 159 -19.09 -0.36 16.47
C GLU D 159 -17.80 -0.44 15.64
N PRO D 160 -17.12 0.69 15.40
CA PRO D 160 -17.49 2.05 15.82
C PRO D 160 -17.92 2.95 14.67
N VAL D 161 -18.27 4.19 15.01
CA VAL D 161 -18.34 5.28 14.05
C VAL D 161 -17.29 6.31 14.44
N THR D 162 -16.92 7.15 13.48
CA THR D 162 -16.06 8.30 13.71
C THR D 162 -16.83 9.56 13.34
N LEU D 163 -16.78 10.57 14.20
CA LEU D 163 -17.49 11.82 13.99
C LEU D 163 -16.55 13.00 14.20
N THR D 164 -16.59 13.98 13.29
CA THR D 164 -15.86 15.22 13.44
C THR D 164 -16.77 16.38 13.03
N TRP D 165 -16.33 17.60 13.32
CA TRP D 165 -17.02 18.81 12.93
C TRP D 165 -16.12 19.63 12.02
N ASN D 166 -16.66 20.04 10.86
CA ASN D 166 -15.91 20.78 9.84
C ASN D 166 -14.57 20.12 9.55
N SER D 167 -14.59 18.78 9.41
CA SER D 167 -13.42 17.98 9.03
C SER D 167 -12.29 18.10 10.06
N GLY D 168 -12.63 18.41 11.31
CA GLY D 168 -11.65 18.52 12.37
C GLY D 168 -11.20 19.94 12.67
N SER D 169 -11.63 20.94 11.88
CA SER D 169 -11.23 22.31 12.12
C SER D 169 -11.93 22.93 13.32
N LEU D 170 -13.07 22.37 13.74
CA LEU D 170 -13.74 22.76 14.98
C LEU D 170 -13.43 21.69 16.02
N SER D 171 -12.69 22.07 17.07
CA SER D 171 -12.26 21.15 18.12
C SER D 171 -12.58 21.66 19.52
N SER D 172 -12.41 22.95 19.76
CA SER D 172 -12.81 23.51 21.06
C SER D 172 -14.33 23.64 21.12
N GLY D 173 -14.87 23.43 22.31
CA GLY D 173 -16.31 23.52 22.49
C GLY D 173 -17.11 22.36 21.94
N VAL D 174 -16.46 21.23 21.60
CA VAL D 174 -17.15 20.04 21.10
C VAL D 174 -17.25 19.02 22.23
N HIS D 175 -18.41 18.38 22.35
CA HIS D 175 -18.61 17.25 23.26
C HIS D 175 -19.22 16.09 22.50
N THR D 176 -18.52 14.96 22.47
CA THR D 176 -19.01 13.75 21.82
C THR D 176 -19.26 12.69 22.88
N PHE D 177 -20.50 12.17 22.94
CA PHE D 177 -20.93 11.33 24.04
C PHE D 177 -20.82 9.85 23.67
N PRO D 178 -20.49 9.00 24.64
CA PRO D 178 -20.29 7.58 24.35
C PRO D 178 -21.55 6.89 23.85
N ALA D 179 -21.37 5.94 22.93
CA ALA D 179 -22.47 5.25 22.30
C ALA D 179 -23.17 4.30 23.27
N LEU D 180 -24.47 4.13 23.07
CA LEU D 180 -25.29 3.25 23.89
C LEU D 180 -25.98 2.22 23.01
N LEU D 181 -26.12 1.00 23.53
CA LEU D 181 -26.75 -0.10 22.82
C LEU D 181 -28.20 -0.23 23.24
N GLN D 182 -29.09 -0.41 22.26
CA GLN D 182 -30.52 -0.48 22.54
C GLN D 182 -31.19 -1.35 21.48
N SER D 183 -31.81 -2.44 21.93
CA SER D 183 -32.52 -3.37 21.04
C SER D 183 -31.64 -3.83 19.89
N GLY D 184 -30.35 -4.03 20.18
CA GLY D 184 -29.41 -4.55 19.21
C GLY D 184 -28.75 -3.54 18.30
N LEU D 185 -28.97 -2.23 18.54
CA LEU D 185 -28.39 -1.19 17.71
C LEU D 185 -27.83 -0.09 18.60
N TYR D 186 -26.77 0.57 18.10
CA TYR D 186 -26.07 1.61 18.83
C TYR D 186 -26.55 2.99 18.40
N THR D 187 -26.42 3.96 19.32
CA THR D 187 -26.79 5.35 19.07
C THR D 187 -25.79 6.26 19.76
N LEU D 188 -25.42 7.36 19.08
CA LEU D 188 -24.41 8.29 19.55
C LEU D 188 -24.84 9.73 19.22
N SER D 189 -24.36 10.69 20.00
CA SER D 189 -24.69 12.10 19.77
C SER D 189 -23.48 12.98 20.08
N SER D 190 -23.54 14.22 19.58
CA SER D 190 -22.43 15.18 19.72
C SER D 190 -22.99 16.60 19.66
N SER D 191 -22.28 17.55 20.29
CA SER D 191 -22.67 18.94 20.29
C SER D 191 -21.46 19.85 20.08
N VAL D 192 -21.71 21.02 19.49
CA VAL D 192 -20.68 22.03 19.29
C VAL D 192 -21.27 23.40 19.60
N THR D 193 -20.46 24.26 20.22
CA THR D 193 -20.89 25.59 20.64
C THR D 193 -19.97 26.63 20.00
N VAL D 194 -20.56 27.70 19.46
CA VAL D 194 -19.79 28.80 18.87
C VAL D 194 -20.44 30.12 19.30
N THR D 195 -19.65 31.19 19.20
CA THR D 195 -20.10 32.48 19.66
C THR D 195 -20.97 33.17 18.60
N SER D 196 -21.38 34.39 18.91
CA SER D 196 -22.27 35.14 18.04
C SER D 196 -21.54 35.61 16.79
N ASN D 197 -22.31 36.11 15.83
CA ASN D 197 -21.80 36.61 14.56
C ASN D 197 -21.03 35.53 13.78
N THR D 198 -21.35 34.27 14.02
CA THR D 198 -20.64 33.15 13.42
C THR D 198 -21.56 32.26 12.58
N TRP D 199 -22.54 31.61 13.20
CA TRP D 199 -23.54 30.76 12.56
C TRP D 199 -24.89 31.48 12.57
N PRO D 200 -25.70 31.36 11.50
CA PRO D 200 -25.54 30.53 10.32
C PRO D 200 -24.84 31.17 9.12
N SER D 201 -24.19 32.32 9.32
CA SER D 201 -23.53 32.99 8.19
C SER D 201 -22.38 32.15 7.64
N GLN D 202 -21.77 31.31 8.48
CA GLN D 202 -20.73 30.39 8.05
C GLN D 202 -21.20 28.95 8.23
N THR D 203 -20.83 28.10 7.28
CA THR D 203 -21.35 26.73 7.24
C THR D 203 -20.68 25.84 8.29
N ILE D 204 -21.49 25.03 8.96
CA ILE D 204 -20.99 24.05 9.93
C ILE D 204 -21.57 22.68 9.57
N THR D 205 -20.70 21.67 9.50
CA THR D 205 -21.04 20.36 8.97
C THR D 205 -20.59 19.25 9.92
N CYS D 206 -21.48 18.27 10.12
CA CYS D 206 -21.18 17.06 10.90
C CYS D 206 -20.71 15.96 9.94
N ASN D 207 -19.49 15.46 10.14
CA ASN D 207 -18.90 14.42 9.29
C ASN D 207 -18.90 13.09 10.04
N VAL D 208 -19.50 12.07 9.44
CA VAL D 208 -19.70 10.77 10.11
C VAL D 208 -19.28 9.65 9.17
N ALA D 209 -18.53 8.68 9.69
CA ALA D 209 -18.07 7.53 8.91
C ALA D 209 -18.32 6.25 9.70
N HIS D 210 -18.83 5.23 9.00
CA HIS D 210 -19.07 3.90 9.58
C HIS D 210 -18.35 2.88 8.70
N PRO D 211 -17.19 2.39 9.12
CA PRO D 211 -16.39 1.52 8.24
C PRO D 211 -17.08 0.23 7.83
N ALA D 212 -17.71 -0.47 8.79
CA ALA D 212 -18.25 -1.80 8.52
C ALA D 212 -19.27 -1.79 7.39
N SER D 213 -20.01 -0.70 7.24
CA SER D 213 -20.95 -0.55 6.12
C SER D 213 -20.39 0.31 4.99
N SER D 214 -19.13 0.77 5.12
CA SER D 214 -18.49 1.64 4.13
C SER D 214 -19.34 2.90 3.90
N THR D 215 -19.74 3.53 5.00
CA THR D 215 -20.58 4.71 4.98
C THR D 215 -19.75 5.95 5.30
N LYS D 216 -19.97 7.03 4.54
CA LYS D 216 -19.39 8.34 4.81
C LYS D 216 -20.41 9.40 4.43
N VAL D 217 -20.81 10.23 5.40
CA VAL D 217 -21.88 11.19 5.22
C VAL D 217 -21.46 12.54 5.79
N ASP D 218 -21.78 13.61 5.06
CA ASP D 218 -21.64 14.98 5.54
C ASP D 218 -23.01 15.62 5.63
N LYS D 219 -23.38 16.10 6.82
CA LYS D 219 -24.68 16.74 7.05
C LYS D 219 -24.47 18.17 7.50
N LYS D 220 -24.94 19.12 6.69
CA LYS D 220 -24.87 20.53 7.03
C LYS D 220 -26.03 20.92 7.95
N ILE D 221 -25.73 21.74 8.95
CA ILE D 221 -26.73 22.20 9.91
C ILE D 221 -27.41 23.44 9.36
N GLU D 222 -28.74 23.36 9.17
CA GLU D 222 -29.53 24.43 8.56
C GLU D 222 -30.54 24.97 9.56
N PRO D 223 -30.81 26.28 9.55
CA PRO D 223 -31.83 26.85 10.46
C PRO D 223 -33.21 26.27 10.17
N ARG D 224 -33.99 26.09 11.23
CA ARG D 224 -35.32 25.52 11.08
C ARG D 224 -36.28 26.53 10.45
N VAL D 225 -37.15 26.02 9.58
CA VAL D 225 -38.18 26.80 8.93
C VAL D 225 -39.52 26.12 9.17
N PRO D 226 -40.55 26.83 9.65
CA PRO D 226 -41.84 26.17 9.91
C PRO D 226 -42.41 25.53 8.65
N ILE D 227 -42.98 24.34 8.81
CA ILE D 227 -43.51 23.60 7.66
C ILE D 227 -44.81 24.24 7.18
N THR D 228 -45.63 24.75 8.08
CA THR D 228 -46.89 25.37 7.71
C THR D 228 -46.86 26.88 7.91
N PCA E 1 -1.91 -16.91 36.05
CA PCA E 1 -1.34 -15.63 35.69
CB PCA E 1 -2.18 -14.95 34.62
CG PCA E 1 -3.55 -15.58 34.71
CD PCA E 1 -3.25 -16.85 35.47
OE PCA E 1 -4.08 -17.76 35.54
C PCA E 1 -1.26 -14.72 36.91
O PCA E 1 -2.19 -14.69 37.72
N ILE E 2 -0.16 -14.00 37.04
CA ILE E 2 0.02 -13.03 38.12
C ILE E 2 -1.08 -11.97 38.04
N VAL E 3 -1.74 -11.66 39.18
CA VAL E 3 -2.77 -10.63 39.22
C VAL E 3 -2.18 -9.36 39.82
N LEU E 4 -2.59 -8.22 39.28
CA LEU E 4 -2.07 -6.91 39.68
C LEU E 4 -3.22 -6.06 40.21
N THR E 5 -3.12 -5.62 41.46
CA THR E 5 -4.17 -4.89 42.13
C THR E 5 -3.78 -3.42 42.26
N GLN E 6 -4.53 -2.56 41.60
CA GLN E 6 -4.28 -1.12 41.62
C GLN E 6 -5.26 -0.42 42.55
N SER E 7 -4.75 0.48 43.38
CA SER E 7 -5.57 1.21 44.34
C SER E 7 -5.16 2.68 44.39
N PRO E 8 -6.13 3.60 44.48
CA PRO E 8 -7.56 3.29 44.45
C PRO E 8 -8.06 3.12 43.01
N ALA E 9 -9.30 2.65 42.84
CA ALA E 9 -9.87 2.57 41.51
C ALA E 9 -10.09 3.95 40.91
N ILE E 10 -10.48 4.93 41.75
CA ILE E 10 -10.70 6.30 41.33
C ILE E 10 -10.05 7.22 42.35
N LEU E 11 -9.05 7.98 41.92
CA LEU E 11 -8.34 8.91 42.81
C LEU E 11 -8.77 10.33 42.46
N SER E 12 -9.32 11.04 43.44
CA SER E 12 -9.80 12.40 43.26
C SER E 12 -8.94 13.35 44.09
N ALA E 13 -8.28 14.30 43.43
CA ALA E 13 -7.31 15.17 44.07
C ALA E 13 -7.53 16.63 43.68
N SER E 14 -7.04 17.55 44.56
CA SER E 14 -7.07 18.98 44.33
C SER E 14 -5.79 19.43 43.62
N PRO E 15 -5.88 20.43 42.74
CA PRO E 15 -4.70 20.86 41.99
C PRO E 15 -3.61 21.38 42.92
N GLY E 16 -2.37 20.97 42.65
CA GLY E 16 -1.22 21.41 43.41
C GLY E 16 -0.76 20.49 44.51
N GLU E 17 -1.56 19.49 44.88
CA GLU E 17 -1.18 18.60 45.97
C GLU E 17 -0.54 17.32 45.42
N LYS E 18 0.15 16.60 46.32
CA LYS E 18 0.92 15.42 45.96
C LYS E 18 0.07 14.16 46.15
N VAL E 19 0.14 13.25 45.17
CA VAL E 19 -0.66 12.04 45.16
C VAL E 19 0.20 10.83 44.82
N THR E 20 -0.26 9.66 45.27
CA THR E 20 0.42 8.39 45.01
C THR E 20 -0.61 7.29 44.78
N MET E 21 -0.42 6.52 43.70
CA MET E 21 -1.22 5.34 43.40
C MET E 21 -0.33 4.10 43.46
N THR E 22 -0.93 2.96 43.82
CA THR E 22 -0.19 1.75 44.18
C THR E 22 -0.59 0.58 43.28
N CYS E 23 0.38 -0.29 43.00
CA CYS E 23 0.17 -1.52 42.25
C CYS E 23 0.85 -2.65 43.01
N ARG E 24 0.05 -3.64 43.46
CA ARG E 24 0.57 -4.80 44.19
C ARG E 24 0.36 -6.08 43.38
N ALA E 25 1.30 -7.01 43.52
CA ALA E 25 1.35 -8.22 42.70
C ALA E 25 1.23 -9.46 43.56
N SER E 26 0.56 -10.50 43.02
CA SER E 26 0.35 -11.73 43.77
C SER E 26 1.61 -12.58 43.86
N SER E 27 2.59 -12.33 43.00
CA SER E 27 3.89 -12.98 43.06
C SER E 27 4.95 -11.94 42.78
N SER E 28 6.19 -12.23 43.21
CA SER E 28 7.26 -11.25 43.10
C SER E 28 7.64 -11.02 41.63
N VAL E 29 7.94 -9.76 41.30
CA VAL E 29 8.39 -9.37 39.97
C VAL E 29 9.56 -8.40 40.12
N SER E 30 10.41 -8.34 39.09
CA SER E 30 11.65 -7.57 39.16
C SER E 30 11.56 -6.17 38.56
N TYR E 31 10.57 -5.91 37.70
CA TYR E 31 10.34 -4.57 37.16
C TYR E 31 8.85 -4.38 36.95
N MET E 32 8.42 -3.10 36.96
CA MET E 32 7.05 -2.73 36.66
C MET E 32 7.05 -1.58 35.65
N HIS E 33 6.09 -1.59 34.71
CA HIS E 33 5.93 -0.53 33.73
C HIS E 33 4.57 0.13 33.90
N TRP E 34 4.45 1.37 33.44
CA TRP E 34 3.22 2.15 33.56
C TRP E 34 2.86 2.80 32.23
N TYR E 35 1.55 2.87 31.94
CA TYR E 35 1.04 3.46 30.71
C TYR E 35 -0.12 4.42 31.03
N GLN E 36 -0.26 5.46 30.20
CA GLN E 36 -1.35 6.42 30.34
C GLN E 36 -2.31 6.29 29.16
N GLN E 37 -3.61 6.36 29.43
CA GLN E 37 -4.61 6.32 28.38
C GLN E 37 -5.68 7.39 28.63
N LYS E 38 -5.99 8.17 27.59
CA LYS E 38 -7.05 9.16 27.63
C LYS E 38 -8.22 8.70 26.75
N PRO E 39 -9.45 9.15 27.05
CA PRO E 39 -10.61 8.62 26.33
C PRO E 39 -10.54 8.87 24.84
N GLY E 40 -10.83 7.83 24.06
CA GLY E 40 -10.80 7.91 22.61
C GLY E 40 -9.44 7.69 21.98
N SER E 41 -8.39 7.54 22.78
CA SER E 41 -7.04 7.36 22.27
C SER E 41 -6.47 6.04 22.77
N SER E 42 -5.30 5.68 22.23
CA SER E 42 -4.63 4.43 22.59
C SER E 42 -3.62 4.67 23.71
N PRO E 43 -3.25 3.61 24.43
CA PRO E 43 -2.26 3.76 25.51
C PRO E 43 -0.93 4.30 25.01
N LYS E 44 -0.19 4.92 25.94
CA LYS E 44 1.12 5.48 25.66
C LYS E 44 2.09 5.11 26.79
N SER E 45 3.33 4.81 26.43
CA SER E 45 4.37 4.55 27.41
C SER E 45 4.60 5.80 28.27
N TRP E 46 4.64 5.60 29.58
CA TRP E 46 4.78 6.71 30.54
C TRP E 46 5.96 6.52 31.48
N ILE E 47 6.08 5.36 32.12
CA ILE E 47 7.24 5.00 32.91
C ILE E 47 7.65 3.57 32.53
N TYR E 48 8.95 3.36 32.33
CA TYR E 48 9.46 2.04 31.98
C TYR E 48 10.56 1.63 32.95
N ALA E 49 10.62 0.33 33.24
CA ALA E 49 11.63 -0.25 34.13
C ALA E 49 11.57 0.39 35.51
N THR E 50 10.36 0.47 36.07
CA THR E 50 10.09 0.93 37.43
C THR E 50 10.22 2.44 37.62
N SER E 51 11.29 3.06 37.10
CA SER E 51 11.56 4.44 37.48
C SER E 51 12.02 5.36 36.35
N ASN E 52 12.06 4.91 35.09
CA ASN E 52 12.53 5.73 33.99
C ASN E 52 11.35 6.41 33.29
N LEU E 53 11.48 7.72 33.04
CA LEU E 53 10.43 8.48 32.38
C LEU E 53 10.57 8.43 30.87
N ALA E 54 9.44 8.31 30.18
CA ALA E 54 9.43 8.29 28.73
C ALA E 54 9.60 9.70 28.17
N SER E 55 9.97 9.77 26.89
CA SER E 55 10.26 11.05 26.26
C SER E 55 9.04 11.98 26.29
N GLY E 56 9.24 13.17 26.84
CA GLY E 56 8.20 14.17 26.88
C GLY E 56 7.32 14.14 28.12
N VAL E 57 7.53 13.21 29.03
CA VAL E 57 6.73 13.12 30.25
C VAL E 57 7.23 14.15 31.25
N PRO E 58 6.35 14.95 31.85
CA PRO E 58 6.79 15.97 32.80
C PRO E 58 7.48 15.37 34.02
N THR E 59 8.47 16.10 34.54
CA THR E 59 9.29 15.63 35.65
C THR E 59 8.54 15.60 36.98
N ARG E 60 7.28 16.06 37.02
CA ARG E 60 6.47 15.90 38.23
C ARG E 60 6.13 14.45 38.52
N PHE E 61 6.21 13.58 37.51
CA PHE E 61 5.94 12.16 37.67
C PHE E 61 7.19 11.41 38.15
N SER E 62 6.97 10.32 38.88
CA SER E 62 8.04 9.43 39.31
C SER E 62 7.44 8.08 39.67
N GLY E 63 8.31 7.07 39.76
CA GLY E 63 7.87 5.73 40.12
C GLY E 63 8.94 5.00 40.91
N SER E 64 8.52 4.01 41.69
CA SER E 64 9.44 3.26 42.55
C SER E 64 8.77 1.95 42.98
N GLY E 65 9.50 1.16 43.76
CA GLY E 65 9.01 -0.08 44.30
C GLY E 65 9.97 -1.23 44.08
N SER E 66 9.56 -2.41 44.53
CA SER E 66 10.34 -3.64 44.42
C SER E 66 9.48 -4.81 44.90
N GLY E 67 9.86 -6.01 44.48
CA GLY E 67 9.20 -7.22 44.95
C GLY E 67 7.74 -7.33 44.54
N THR E 68 6.83 -7.12 45.48
CA THR E 68 5.40 -7.23 45.21
C THR E 68 4.65 -5.91 45.39
N SER E 69 5.34 -4.78 45.51
CA SER E 69 4.67 -3.51 45.74
C SER E 69 5.38 -2.38 45.01
N TYR E 70 4.66 -1.69 44.12
CA TYR E 70 5.17 -0.59 43.32
C TYR E 70 4.19 0.57 43.33
N SER E 71 4.66 1.76 42.95
CA SER E 71 3.83 2.96 43.01
C SER E 71 4.26 3.99 41.97
N LEU E 72 3.33 4.90 41.66
CA LEU E 72 3.56 6.06 40.82
C LEU E 72 3.12 7.31 41.58
N THR E 73 3.93 8.36 41.52
CA THR E 73 3.71 9.57 42.32
C THR E 73 3.77 10.83 41.45
N ILE E 74 2.82 11.74 41.68
CA ILE E 74 2.80 13.06 41.06
C ILE E 74 3.05 14.10 42.13
N SER E 75 4.06 14.95 41.92
CA SER E 75 4.46 15.90 42.96
C SER E 75 3.41 16.98 43.16
N ARG E 76 2.94 17.60 42.07
CA ARG E 76 1.90 18.62 42.11
C ARG E 76 0.99 18.41 40.92
N VAL E 77 -0.24 17.92 41.17
CA VAL E 77 -1.12 17.53 40.08
C VAL E 77 -1.66 18.76 39.36
N GLU E 78 -1.96 18.58 38.08
CA GLU E 78 -2.52 19.62 37.21
C GLU E 78 -3.73 19.06 36.49
N ALA E 79 -4.51 19.97 35.88
CA ALA E 79 -5.75 19.56 35.22
C ALA E 79 -5.49 18.61 34.06
N GLU E 80 -4.39 18.82 33.33
CA GLU E 80 -4.08 18.00 32.16
C GLU E 80 -3.71 16.56 32.52
N ASP E 81 -3.49 16.27 33.81
CA ASP E 81 -3.12 14.92 34.24
C ASP E 81 -4.30 13.96 34.31
N ALA E 82 -5.53 14.44 34.12
CA ALA E 82 -6.71 13.58 34.21
C ALA E 82 -6.69 12.52 33.12
N ALA E 83 -6.64 11.25 33.54
CA ALA E 83 -6.55 10.09 32.65
C ALA E 83 -6.62 8.81 33.46
N THR E 84 -6.46 7.66 32.79
CA THR E 84 -6.34 6.36 33.44
C THR E 84 -4.90 5.87 33.30
N TYR E 85 -4.36 5.31 34.38
CA TYR E 85 -2.99 4.82 34.43
C TYR E 85 -2.98 3.33 34.75
N TYR E 86 -2.26 2.55 33.93
CA TYR E 86 -2.19 1.09 34.05
C TYR E 86 -0.76 0.64 34.36
N CYS E 87 -0.62 -0.33 35.27
CA CYS E 87 0.66 -1.01 35.48
C CYS E 87 0.71 -2.33 34.70
N GLN E 88 1.93 -2.84 34.50
CA GLN E 88 2.12 -4.08 33.74
C GLN E 88 3.43 -4.75 34.15
N GLN E 89 3.39 -6.08 34.28
CA GLN E 89 4.58 -6.88 34.55
C GLN E 89 4.90 -7.80 33.36
N ARG E 90 6.20 -8.05 33.17
CA ARG E 90 6.68 -8.95 32.13
C ARG E 90 7.73 -9.92 32.68
N SER E 91 7.61 -10.30 33.95
CA SER E 91 8.57 -11.19 34.60
C SER E 91 8.15 -12.65 34.58
N SER E 92 6.86 -12.93 34.36
CA SER E 92 6.34 -14.29 34.30
C SER E 92 5.45 -14.43 33.08
N ASN E 93 5.48 -15.62 32.47
CA ASN E 93 4.64 -15.83 31.28
C ASN E 93 3.27 -16.35 31.71
N PRO E 94 2.17 -15.72 31.27
CA PRO E 94 2.13 -14.57 30.36
C PRO E 94 2.26 -13.23 31.09
N ARG E 95 2.67 -12.19 30.37
CA ARG E 95 2.65 -10.84 30.91
C ARG E 95 1.20 -10.40 31.14
N THR E 96 1.01 -9.57 32.17
CA THR E 96 -0.33 -9.18 32.60
C THR E 96 -0.39 -7.68 32.91
N PHE E 97 -1.60 -7.12 32.80
CA PHE E 97 -1.88 -5.72 33.10
C PHE E 97 -2.80 -5.59 34.32
N GLY E 98 -2.65 -4.49 35.05
CA GLY E 98 -3.57 -4.16 36.11
C GLY E 98 -4.87 -3.58 35.58
N GLY E 99 -5.79 -3.31 36.51
CA GLY E 99 -7.12 -2.81 36.17
C GLY E 99 -7.24 -1.31 35.98
N GLY E 100 -6.25 -0.54 36.39
CA GLY E 100 -6.25 0.88 36.12
C GLY E 100 -6.70 1.71 37.31
N THR E 101 -6.11 2.90 37.43
CA THR E 101 -6.51 3.93 38.38
C THR E 101 -6.87 5.19 37.59
N LYS E 102 -8.08 5.68 37.76
CA LYS E 102 -8.55 6.87 37.05
C LYS E 102 -8.39 8.10 37.93
N LEU E 103 -7.68 9.11 37.42
CA LEU E 103 -7.35 10.31 38.17
C LEU E 103 -8.33 11.42 37.83
N GLU E 104 -9.00 11.95 38.86
CA GLU E 104 -9.93 13.08 38.72
C GLU E 104 -9.37 14.29 39.45
N ILE E 105 -9.55 15.48 38.88
CA ILE E 105 -9.04 16.73 39.44
C ILE E 105 -10.22 17.57 39.92
N LYS E 106 -10.16 18.00 41.19
CA LYS E 106 -11.26 18.74 41.79
C LYS E 106 -11.23 20.21 41.39
N ARG E 107 -12.40 20.84 41.41
CA ARG E 107 -12.55 22.25 41.07
C ARG E 107 -13.79 22.80 41.75
N ALA E 108 -14.05 24.09 41.55
CA ALA E 108 -15.23 24.71 42.13
C ALA E 108 -16.49 24.23 41.43
N ASP E 109 -17.58 24.10 42.20
CA ASP E 109 -18.85 23.66 41.64
C ASP E 109 -19.32 24.60 40.53
N ALA E 110 -20.00 24.03 39.54
CA ALA E 110 -20.47 24.82 38.40
C ALA E 110 -21.77 24.22 37.87
N ALA E 111 -22.71 25.10 37.52
CA ALA E 111 -24.01 24.73 37.00
C ALA E 111 -23.93 24.46 35.50
N PRO E 112 -24.82 23.62 34.97
CA PRO E 112 -24.74 23.25 33.55
C PRO E 112 -25.41 24.28 32.65
N THR E 113 -25.00 24.24 31.38
CA THR E 113 -25.65 24.99 30.30
C THR E 113 -26.51 24.02 29.48
N VAL E 114 -27.81 24.31 29.40
CA VAL E 114 -28.80 23.35 28.90
C VAL E 114 -29.38 23.84 27.57
N SER E 115 -29.54 22.90 26.63
CA SER E 115 -30.13 23.14 25.32
C SER E 115 -31.02 21.97 24.93
N ILE E 116 -32.15 22.26 24.29
CA ILE E 116 -33.14 21.25 23.90
C ILE E 116 -33.33 21.30 22.39
N PHE E 117 -33.55 20.12 21.79
CA PHE E 117 -33.59 19.98 20.33
C PHE E 117 -34.77 19.12 19.91
N PRO E 118 -35.70 19.66 19.10
CA PRO E 118 -36.81 18.84 18.58
C PRO E 118 -36.31 17.85 17.54
N PRO E 119 -37.15 16.91 17.12
CA PRO E 119 -36.73 15.97 16.07
C PRO E 119 -36.45 16.67 14.76
N SER E 120 -35.49 16.13 14.00
CA SER E 120 -35.20 16.65 12.68
C SER E 120 -36.28 16.21 11.68
N SER E 121 -36.39 16.97 10.59
CA SER E 121 -37.34 16.62 9.54
C SER E 121 -37.00 15.27 8.90
N GLU E 122 -35.71 14.95 8.79
CA GLU E 122 -35.32 13.68 8.17
C GLU E 122 -35.79 12.49 8.98
N GLN E 123 -35.69 12.57 10.31
CA GLN E 123 -36.12 11.45 11.14
C GLN E 123 -37.65 11.30 11.12
N LEU E 124 -38.37 12.42 11.11
CA LEU E 124 -39.83 12.36 11.05
C LEU E 124 -40.28 11.72 9.74
N THR E 125 -39.59 12.01 8.64
CA THR E 125 -39.91 11.36 7.37
C THR E 125 -39.71 9.85 7.45
N SER E 126 -38.70 9.41 8.19
CA SER E 126 -38.42 7.98 8.34
C SER E 126 -39.38 7.29 9.29
N GLY E 127 -40.03 8.03 10.19
CA GLY E 127 -41.05 7.45 11.06
C GLY E 127 -40.78 7.56 12.55
N GLY E 128 -39.64 8.09 12.99
CA GLY E 128 -39.34 8.22 14.39
C GLY E 128 -39.33 9.67 14.88
N ALA E 129 -39.10 9.82 16.19
CA ALA E 129 -39.10 11.15 16.79
C ALA E 129 -38.29 11.08 18.09
N SER E 130 -37.07 11.60 18.05
CA SER E 130 -36.19 11.67 19.22
C SER E 130 -36.01 13.12 19.64
N VAL E 131 -36.16 13.38 20.95
CA VAL E 131 -35.94 14.70 21.53
C VAL E 131 -34.68 14.64 22.37
N VAL E 132 -33.78 15.60 22.19
CA VAL E 132 -32.44 15.58 22.77
C VAL E 132 -32.24 16.79 23.66
N CYS E 133 -31.56 16.59 24.78
CA CYS E 133 -31.21 17.64 25.72
C CYS E 133 -29.73 17.50 26.07
N PHE E 134 -28.97 18.60 25.93
CA PHE E 134 -27.55 18.63 26.24
C PHE E 134 -27.32 19.40 27.53
N LEU E 135 -26.58 18.80 28.47
CA LEU E 135 -26.20 19.41 29.74
C LEU E 135 -24.68 19.50 29.79
N ASN E 136 -24.12 20.68 29.54
CA ASN E 136 -22.70 20.84 29.23
C ASN E 136 -21.95 21.63 30.29
N ASN E 137 -20.76 21.13 30.63
CA ASN E 137 -19.74 21.84 31.42
C ASN E 137 -20.25 22.14 32.84
N PHE E 138 -20.41 21.07 33.62
CA PHE E 138 -20.83 21.20 35.01
C PHE E 138 -19.90 20.38 35.92
N TYR E 139 -20.06 20.60 37.23
CA TYR E 139 -19.27 19.90 38.25
C TYR E 139 -20.01 20.00 39.57
N PRO E 140 -20.10 18.92 40.36
CA PRO E 140 -19.55 17.57 40.16
C PRO E 140 -20.36 16.70 39.20
N LYS E 141 -19.96 15.43 39.07
CA LYS E 141 -20.48 14.58 37.99
C LYS E 141 -21.94 14.18 38.21
N ASP E 142 -22.41 14.15 39.46
CA ASP E 142 -23.76 13.68 39.73
C ASP E 142 -24.79 14.75 39.36
N ILE E 143 -25.82 14.34 38.62
CA ILE E 143 -26.84 15.26 38.14
C ILE E 143 -28.09 14.45 37.77
N ASN E 144 -29.24 15.11 37.78
CA ASN E 144 -30.53 14.49 37.49
C ASN E 144 -31.23 15.24 36.37
N VAL E 145 -32.01 14.51 35.57
CA VAL E 145 -32.78 15.10 34.48
C VAL E 145 -34.17 14.49 34.47
N LYS E 146 -35.19 15.33 34.23
CA LYS E 146 -36.59 14.90 34.16
C LYS E 146 -37.22 15.44 32.90
N TRP E 147 -38.02 14.60 32.23
CA TRP E 147 -38.72 14.98 31.01
C TRP E 147 -40.20 15.18 31.30
N LYS E 148 -40.81 16.16 30.63
CA LYS E 148 -42.24 16.43 30.74
C LYS E 148 -42.84 16.61 29.35
N ILE E 149 -44.03 16.05 29.15
CA ILE E 149 -44.78 16.19 27.90
C ILE E 149 -46.15 16.74 28.24
N ASP E 150 -46.43 17.95 27.74
CA ASP E 150 -47.67 18.67 28.07
C ASP E 150 -47.84 18.82 29.58
N GLY E 151 -46.73 18.93 30.31
CA GLY E 151 -46.76 19.12 31.74
C GLY E 151 -46.73 17.85 32.57
N SER E 152 -46.78 16.67 31.94
CA SER E 152 -46.83 15.41 32.66
C SER E 152 -45.48 14.69 32.55
N GLU E 153 -45.06 14.09 33.65
CA GLU E 153 -43.74 13.47 33.73
C GLU E 153 -43.69 12.18 32.91
N ARG E 154 -42.55 11.95 32.26
CA ARG E 154 -42.35 10.79 31.40
C ARG E 154 -41.02 10.13 31.76
N GLN E 155 -41.06 8.82 32.00
CA GLN E 155 -39.90 8.09 32.50
C GLN E 155 -39.39 7.02 31.54
N ASN E 156 -40.24 6.46 30.68
CA ASN E 156 -39.83 5.38 29.79
C ASN E 156 -39.31 5.94 28.47
N GLY E 157 -38.29 5.28 27.93
CA GLY E 157 -37.71 5.68 26.66
C GLY E 157 -36.58 6.68 26.74
N VAL E 158 -35.98 6.86 27.92
CA VAL E 158 -34.93 7.86 28.14
C VAL E 158 -33.59 7.15 28.30
N LEU E 159 -32.57 7.68 27.63
CA LEU E 159 -31.21 7.13 27.71
C LEU E 159 -30.22 8.27 27.95
N ASN E 160 -29.35 8.08 28.95
CA ASN E 160 -28.42 9.12 29.38
C ASN E 160 -26.98 8.65 29.21
N SER E 161 -26.11 9.56 28.76
CA SER E 161 -24.71 9.24 28.50
C SER E 161 -23.82 10.37 28.99
N TRP E 162 -22.83 10.03 29.80
CA TRP E 162 -21.87 10.97 30.39
C TRP E 162 -20.52 10.89 29.68
N THR E 163 -19.84 12.03 29.61
CA THR E 163 -18.45 12.07 29.17
C THR E 163 -17.53 11.84 30.37
N ASP E 164 -16.23 11.70 30.07
CA ASP E 164 -15.22 11.73 31.11
C ASP E 164 -14.78 13.18 31.34
N GLN E 165 -13.88 13.38 32.30
CA GLN E 165 -13.54 14.74 32.72
C GLN E 165 -12.73 15.46 31.65
N ASP E 166 -13.02 16.75 31.47
CA ASP E 166 -12.35 17.57 30.47
C ASP E 166 -10.95 17.96 30.95
N SER E 167 -9.97 17.84 30.06
CA SER E 167 -8.59 18.09 30.41
C SER E 167 -8.24 19.57 30.54
N LYS E 168 -9.12 20.48 30.09
CA LYS E 168 -8.87 21.91 30.17
C LYS E 168 -9.53 22.58 31.37
N ASP E 169 -10.84 22.41 31.54
CA ASP E 169 -11.58 23.09 32.59
C ASP E 169 -12.11 22.16 33.67
N SER E 170 -11.80 20.87 33.60
CA SER E 170 -12.11 19.89 34.64
C SER E 170 -13.62 19.68 34.84
N THR E 171 -14.43 19.94 33.82
CA THR E 171 -15.87 19.78 33.94
C THR E 171 -16.33 18.47 33.30
N TYR E 172 -17.63 18.18 33.47
CA TYR E 172 -18.30 17.05 32.84
C TYR E 172 -19.47 17.54 32.01
N SER E 173 -19.93 16.69 31.09
CA SER E 173 -21.11 16.96 30.27
C SER E 173 -21.90 15.68 30.12
N MET E 174 -23.19 15.82 29.83
CA MET E 174 -24.09 14.67 29.73
C MET E 174 -25.17 14.94 28.69
N SER E 175 -25.59 13.87 27.99
CA SER E 175 -26.59 13.92 26.95
C SER E 175 -27.77 13.02 27.30
N SER E 176 -28.99 13.51 27.10
CA SER E 176 -30.22 12.78 27.43
C SER E 176 -31.17 12.80 26.23
N THR E 177 -31.65 11.61 25.84
CA THR E 177 -32.45 11.45 24.64
C THR E 177 -33.75 10.71 24.97
N LEU E 178 -34.87 11.28 24.54
CA LEU E 178 -36.19 10.69 24.70
C LEU E 178 -36.73 10.30 23.34
N THR E 179 -36.97 9.01 23.12
CA THR E 179 -37.39 8.50 21.83
C THR E 179 -38.85 8.06 21.85
N LEU E 180 -39.62 8.56 20.90
CA LEU E 180 -41.04 8.26 20.75
C LEU E 180 -41.30 7.85 19.31
N THR E 181 -42.53 7.41 19.05
CA THR E 181 -42.95 7.21 17.67
C THR E 181 -43.40 8.54 17.07
N LYS E 182 -43.45 8.58 15.73
CA LYS E 182 -43.88 9.79 15.05
C LYS E 182 -45.31 10.17 15.44
N ASP E 183 -46.21 9.17 15.50
CA ASP E 183 -47.60 9.46 15.86
C ASP E 183 -47.70 9.95 17.30
N GLU E 184 -46.93 9.35 18.20
CA GLU E 184 -46.97 9.77 19.61
C GLU E 184 -46.47 11.20 19.77
N TYR E 185 -45.45 11.59 18.99
CA TYR E 185 -44.93 12.95 19.05
C TYR E 185 -45.96 13.95 18.54
N GLU E 186 -46.73 13.57 17.52
CA GLU E 186 -47.72 14.45 16.93
C GLU E 186 -48.97 14.62 17.77
N ARG E 187 -49.11 13.85 18.86
CA ARG E 187 -50.30 13.94 19.71
C ARG E 187 -50.18 14.98 20.82
N HIS E 188 -49.01 15.56 21.04
CA HIS E 188 -48.80 16.50 22.12
C HIS E 188 -48.15 17.77 21.59
N ASN E 189 -48.10 18.79 22.43
CA ASN E 189 -47.67 20.12 22.04
C ASN E 189 -46.39 20.58 22.75
N SER E 190 -46.35 20.52 24.08
CA SER E 190 -45.24 21.07 24.84
C SER E 190 -44.27 19.95 25.27
N TYR E 191 -42.98 20.28 25.26
CA TYR E 191 -41.91 19.34 25.60
C TYR E 191 -40.87 20.06 26.42
N THR E 192 -40.47 19.46 27.56
CA THR E 192 -39.67 20.14 28.57
C THR E 192 -38.57 19.23 29.11
N CYS E 193 -37.41 19.83 29.39
CA CYS E 193 -36.25 19.14 29.94
C CYS E 193 -35.81 19.88 31.20
N GLU E 194 -35.76 19.17 32.34
CA GLU E 194 -35.48 19.79 33.63
C GLU E 194 -34.24 19.14 34.25
N ALA E 195 -33.24 19.95 34.58
CA ALA E 195 -31.98 19.48 35.15
C ALA E 195 -31.88 19.91 36.60
N THR E 196 -31.62 18.95 37.50
CA THR E 196 -31.48 19.20 38.92
C THR E 196 -30.06 18.84 39.36
N HIS E 197 -29.35 19.83 39.90
CA HIS E 197 -27.94 19.70 40.26
C HIS E 197 -27.75 20.31 41.65
N LYS E 198 -26.63 19.95 42.30
CA LYS E 198 -26.40 20.40 43.66
C LYS E 198 -26.13 21.89 43.75
N THR E 199 -25.85 22.57 42.63
CA THR E 199 -25.57 24.00 42.65
C THR E 199 -26.80 24.85 42.94
N SER E 200 -28.01 24.29 42.89
CA SER E 200 -29.21 25.08 43.11
C SER E 200 -30.34 24.17 43.57
N THR E 201 -31.18 24.70 44.46
CA THR E 201 -32.37 23.96 44.90
C THR E 201 -33.41 23.87 43.80
N SER E 202 -33.44 24.85 42.89
CA SER E 202 -34.37 24.96 41.78
C SER E 202 -33.72 24.45 40.49
N PRO E 203 -34.48 23.76 39.66
CA PRO E 203 -33.91 23.18 38.44
C PRO E 203 -33.79 24.22 37.32
N ILE E 204 -33.03 23.83 36.29
CA ILE E 204 -32.93 24.61 35.05
C ILE E 204 -33.85 23.98 34.03
N VAL E 205 -34.70 24.81 33.41
CA VAL E 205 -35.81 24.34 32.59
C VAL E 205 -35.64 24.88 31.17
N LYS E 206 -35.81 23.99 30.19
CA LYS E 206 -35.81 24.32 28.78
C LYS E 206 -36.97 23.61 28.11
N SER E 207 -37.67 24.32 27.21
CA SER E 207 -38.90 23.79 26.64
C SER E 207 -39.14 24.38 25.26
N PHE E 208 -40.02 23.72 24.50
CA PHE E 208 -40.48 24.25 23.22
C PHE E 208 -41.91 23.77 22.96
N ASN E 209 -42.58 24.44 22.04
CA ASN E 209 -43.94 24.11 21.63
C ASN E 209 -43.97 23.81 20.13
N ARG E 210 -44.80 22.83 19.75
CA ARG E 210 -44.85 22.41 18.35
C ARG E 210 -45.62 23.37 17.45
N ASN E 211 -46.34 24.35 18.02
CA ASN E 211 -47.15 25.27 17.23
C ASN E 211 -46.67 26.72 17.38
N GLU E 212 -45.41 26.92 17.72
CA GLU E 212 -44.89 28.27 17.95
C GLU E 212 -43.43 28.34 17.51
N CYS E 213 -43.12 29.34 16.68
CA CYS E 213 -41.74 29.59 16.26
C CYS E 213 -41.29 30.97 16.72
N TYR F 8 26.03 14.44 31.77
CA TYR F 8 26.15 13.46 32.84
C TYR F 8 24.90 12.60 32.92
N SER F 9 23.80 13.12 32.38
CA SER F 9 22.55 12.38 32.28
C SER F 9 22.34 11.90 30.86
N MET F 10 21.42 10.96 30.69
CA MET F 10 21.20 10.32 29.39
C MET F 10 20.50 11.26 28.42
N CYS F 11 20.87 11.15 27.14
CA CYS F 11 20.22 11.92 26.08
C CYS F 11 18.84 11.34 25.76
N ASP F 12 18.02 12.17 25.12
CA ASP F 12 16.71 11.73 24.64
C ASP F 12 16.92 10.83 23.43
N LYS F 13 16.40 9.60 23.51
CA LYS F 13 16.68 8.59 22.48
C LYS F 13 16.04 8.90 21.13
N THR F 14 15.15 9.87 21.05
CA THR F 14 14.36 10.10 19.84
C THR F 14 14.92 11.19 18.94
N LYS F 15 16.02 11.84 19.33
CA LYS F 15 16.51 13.01 18.62
C LYS F 15 17.89 12.79 17.99
N PHE F 16 18.19 11.55 17.58
CA PHE F 16 19.46 11.23 16.96
C PHE F 16 19.30 11.04 15.46
N LYS F 17 20.40 11.28 14.73
CA LYS F 17 20.45 11.08 13.29
C LYS F 17 21.82 10.54 12.89
N TRP F 18 21.84 9.70 11.86
CA TRP F 18 23.10 9.16 11.37
C TRP F 18 23.90 10.26 10.66
N LYS F 19 25.17 10.39 11.03
CA LYS F 19 26.11 11.28 10.37
C LYS F 19 27.07 10.52 9.45
N ARG F 20 27.63 9.41 9.95
CA ARG F 20 28.34 8.43 9.13
C ARG F 20 27.95 7.05 9.64
N VAL F 21 27.36 6.25 8.77
CA VAL F 21 26.84 4.93 9.16
C VAL F 21 27.99 3.99 9.49
N PRO F 22 27.75 2.92 10.25
CA PRO F 22 28.86 2.05 10.67
C PRO F 22 29.63 1.46 9.49
N VAL F 23 30.95 1.41 9.64
CA VAL F 23 31.85 0.91 8.60
C VAL F 23 33.06 0.29 9.29
N ASP F 24 33.72 -0.63 8.58
CA ASP F 24 34.90 -1.29 9.12
C ASP F 24 36.05 -0.29 9.24
N SER F 25 36.74 -0.33 10.38
CA SER F 25 37.80 0.62 10.66
C SER F 25 39.15 0.20 10.09
N GLY F 26 39.28 -1.07 9.67
CA GLY F 26 40.55 -1.58 9.20
C GLY F 26 41.37 -2.31 10.23
N HIS F 27 40.87 -2.43 11.47
CA HIS F 27 41.59 -3.12 12.53
C HIS F 27 40.59 -3.84 13.45
N ASP F 28 39.62 -4.51 12.83
CA ASP F 28 38.66 -5.38 13.54
C ASP F 28 37.81 -4.60 14.54
N THR F 29 37.46 -3.36 14.19
CA THR F 29 36.50 -2.57 14.95
C THR F 29 35.54 -1.90 13.97
N VAL F 30 34.51 -1.28 14.52
CA VAL F 30 33.48 -0.58 13.76
C VAL F 30 33.36 0.83 14.29
N VAL F 31 33.35 1.82 13.38
CA VAL F 31 33.29 3.23 13.75
C VAL F 31 32.05 3.86 13.14
N MET F 32 31.57 4.93 13.76
CA MET F 32 30.32 5.57 13.35
C MET F 32 30.23 6.95 13.96
N GLU F 33 29.38 7.80 13.37
CA GLU F 33 29.17 9.17 13.83
C GLU F 33 27.69 9.52 13.77
N VAL F 34 27.21 10.24 14.78
CA VAL F 34 25.81 10.63 14.90
C VAL F 34 25.73 12.11 15.25
N SER F 35 24.53 12.67 15.08
CA SER F 35 24.24 14.04 15.46
C SER F 35 22.98 14.06 16.34
N TYR F 36 22.87 15.12 17.15
CA TYR F 36 21.83 15.22 18.17
C TYR F 36 21.17 16.59 18.10
N THR F 37 19.84 16.61 18.23
CA THR F 37 19.06 17.83 18.08
C THR F 37 18.42 18.30 19.38
N GLY F 38 18.70 17.66 20.51
CA GLY F 38 18.12 18.07 21.77
C GLY F 38 18.83 19.26 22.37
N SER F 39 18.18 19.86 23.38
CA SER F 39 18.71 21.01 24.09
C SER F 39 19.28 20.65 25.46
N ASP F 40 19.22 19.38 25.84
CA ASP F 40 19.73 18.94 27.15
C ASP F 40 21.18 18.47 27.03
N LYS F 41 22.03 19.40 26.58
CA LYS F 41 23.43 19.07 26.37
C LYS F 41 24.30 19.73 27.44
N PRO F 42 25.38 19.06 27.90
CA PRO F 42 25.86 17.75 27.48
C PRO F 42 25.08 16.56 28.07
N CYS F 43 25.16 15.40 27.41
CA CYS F 43 24.43 14.21 27.84
C CYS F 43 25.14 12.97 27.32
N ARG F 44 24.86 11.84 27.98
CA ARG F 44 25.49 10.56 27.66
C ARG F 44 24.70 9.84 26.57
N ILE F 45 25.41 9.30 25.59
CA ILE F 45 24.77 8.59 24.48
C ILE F 45 24.50 7.16 24.90
N PRO F 46 23.27 6.65 24.75
CA PRO F 46 23.01 5.23 25.04
C PRO F 46 23.36 4.36 23.85
N VAL F 47 24.18 3.34 24.08
CA VAL F 47 24.70 2.47 23.03
C VAL F 47 24.54 1.01 23.46
N ARG F 48 24.03 0.17 22.55
CA ARG F 48 23.87 -1.26 22.80
C ARG F 48 24.13 -2.01 21.50
N ALA F 49 24.42 -3.31 21.64
CA ALA F 49 24.54 -4.21 20.50
C ALA F 49 24.24 -5.63 20.97
N VAL F 50 23.58 -6.41 20.11
CA VAL F 50 23.18 -7.78 20.45
C VAL F 50 23.47 -8.70 19.28
N ALA F 51 23.78 -9.95 19.60
CA ALA F 51 23.79 -11.00 18.59
C ALA F 51 22.35 -11.31 18.17
N HIS F 52 22.19 -11.66 16.89
CA HIS F 52 20.84 -11.74 16.31
C HIS F 52 19.97 -12.74 17.07
N GLY F 53 20.54 -13.87 17.49
CA GLY F 53 19.78 -14.89 18.17
C GLY F 53 19.71 -14.79 19.69
N VAL F 54 20.46 -13.88 20.29
CA VAL F 54 20.44 -13.71 21.75
C VAL F 54 20.19 -12.24 22.09
N PRO F 55 18.94 -11.77 22.03
CA PRO F 55 18.68 -10.34 22.17
C PRO F 55 18.73 -9.80 23.60
N THR F 56 19.01 -10.63 24.61
CA THR F 56 19.05 -10.15 25.99
C THR F 56 20.47 -9.89 26.49
N ILE F 57 21.49 -10.03 25.63
CA ILE F 57 22.89 -9.90 26.04
C ILE F 57 23.52 -8.78 25.23
N ASN F 58 24.14 -7.82 25.93
CA ASN F 58 24.84 -6.71 25.29
C ASN F 58 26.26 -7.12 24.95
N VAL F 59 26.65 -6.95 23.68
CA VAL F 59 27.96 -7.34 23.20
C VAL F 59 28.73 -6.16 22.62
N ALA F 60 28.32 -4.93 22.94
CA ALA F 60 28.99 -3.74 22.45
C ALA F 60 30.21 -3.47 23.32
N MET F 61 31.39 -3.91 22.86
CA MET F 61 32.65 -3.68 23.56
C MET F 61 33.23 -2.36 23.07
N LEU F 62 33.10 -1.31 23.87
CA LEU F 62 33.37 0.06 23.42
C LEU F 62 34.87 0.35 23.40
N ILE F 63 35.33 0.95 22.31
CA ILE F 63 36.68 1.51 22.29
C ILE F 63 36.67 2.98 22.71
N THR F 64 35.60 3.71 22.38
CA THR F 64 35.40 5.07 22.86
C THR F 64 34.68 5.00 24.20
N PRO F 65 35.33 5.33 25.32
CA PRO F 65 34.68 5.23 26.63
C PRO F 65 33.72 6.39 26.86
N ASN F 66 32.51 6.06 27.32
CA ASN F 66 31.46 7.03 27.65
C ASN F 66 31.25 8.04 26.53
N PRO F 67 30.68 7.63 25.39
CA PRO F 67 30.40 8.59 24.32
C PRO F 67 29.39 9.63 24.79
N THR F 68 29.66 10.89 24.42
CA THR F 68 28.93 12.01 24.98
C THR F 68 28.72 13.08 23.90
N ILE F 69 27.53 13.67 23.89
CA ILE F 69 27.24 14.84 23.06
C ILE F 69 27.57 16.07 23.90
N GLU F 70 28.58 16.83 23.48
CA GLU F 70 28.98 18.03 24.21
C GLU F 70 28.05 19.19 23.83
N THR F 71 28.37 20.39 24.28
CA THR F 71 27.54 21.55 23.93
C THR F 71 27.72 21.99 22.49
N SER F 72 28.65 21.39 21.75
CA SER F 72 28.76 21.59 20.31
C SER F 72 29.34 20.31 19.70
N GLY F 73 29.09 20.13 18.41
CA GLY F 73 29.56 18.95 17.71
C GLY F 73 28.63 17.76 17.86
N GLY F 74 29.04 16.66 17.22
CA GLY F 74 28.29 15.42 17.21
C GLY F 74 28.87 14.38 18.14
N GLY F 75 28.77 13.11 17.73
CA GLY F 75 29.29 12.02 18.52
C GLY F 75 30.02 10.96 17.70
N PHE F 76 31.14 10.47 18.22
CA PHE F 76 31.96 9.44 17.55
C PHE F 76 31.98 8.20 18.43
N ILE F 77 31.67 7.04 17.82
CA ILE F 77 31.50 5.79 18.54
C ILE F 77 32.29 4.70 17.84
N GLU F 78 33.07 3.93 18.61
CA GLU F 78 33.83 2.79 18.09
C GLU F 78 33.63 1.59 18.99
N MET F 79 33.37 0.43 18.40
CA MET F 79 33.05 -0.77 19.17
C MET F 79 33.55 -2.01 18.45
N GLN F 80 33.76 -3.07 19.23
CA GLN F 80 34.15 -4.38 18.72
C GLN F 80 33.03 -5.38 18.98
N LEU F 81 32.74 -6.23 17.99
CA LEU F 81 31.61 -7.14 18.03
C LEU F 81 32.07 -8.57 17.77
N PRO F 82 31.36 -9.56 18.29
CA PRO F 82 31.71 -10.96 18.03
C PRO F 82 31.30 -11.36 16.62
N PRO F 83 31.89 -12.42 16.07
CA PRO F 83 31.56 -12.83 14.70
C PRO F 83 30.09 -13.19 14.57
N GLY F 84 29.56 -12.97 13.37
CA GLY F 84 28.19 -13.30 13.04
C GLY F 84 27.34 -12.07 12.81
N ASP F 85 26.04 -12.32 12.71
CA ASP F 85 25.06 -11.25 12.52
C ASP F 85 24.75 -10.56 13.84
N ASN F 86 24.86 -9.24 13.86
CA ASN F 86 24.57 -8.44 15.05
C ASN F 86 23.68 -7.27 14.67
N ILE F 87 23.07 -6.66 15.67
CA ILE F 87 22.29 -5.43 15.51
C ILE F 87 22.80 -4.40 16.50
N ILE F 88 23.04 -3.18 16.02
CA ILE F 88 23.54 -2.08 16.82
C ILE F 88 22.40 -1.10 17.09
N TYR F 89 22.31 -0.61 18.33
CA TYR F 89 21.28 0.34 18.73
C TYR F 89 21.94 1.58 19.31
N VAL F 90 21.64 2.74 18.74
CA VAL F 90 22.07 4.03 19.27
C VAL F 90 20.81 4.87 19.41
N GLY F 91 20.23 4.88 20.62
CA GLY F 91 18.94 5.53 20.79
C GLY F 91 17.88 4.83 19.95
N ASP F 92 17.11 5.61 19.21
CA ASP F 92 16.14 5.05 18.28
C ASP F 92 16.76 4.57 16.97
N LEU F 93 18.02 4.91 16.71
CA LEU F 93 18.70 4.45 15.50
C LEU F 93 19.10 2.98 15.65
N SER F 94 19.12 2.27 14.53
CA SER F 94 19.55 0.88 14.50
C SER F 94 20.28 0.61 13.19
N GLN F 95 21.06 -0.47 13.19
CA GLN F 95 21.85 -0.85 12.02
C GLN F 95 22.34 -2.29 12.21
N GLN F 96 22.21 -3.09 11.16
CA GLN F 96 22.72 -4.46 11.19
C GLN F 96 24.19 -4.48 10.80
N TRP F 97 24.93 -5.43 11.37
CA TRP F 97 26.36 -5.53 11.09
C TRP F 97 26.79 -6.99 11.16
N PHE F 98 27.36 -7.49 10.06
CA PHE F 98 27.93 -8.84 10.02
C PHE F 98 29.42 -8.75 10.25
N GLN F 99 29.92 -9.56 11.18
CA GLN F 99 31.32 -9.52 11.60
C GLN F 99 32.06 -10.74 11.09
N LYS F 100 33.31 -10.52 10.67
CA LYS F 100 34.19 -11.57 10.15
C LYS F 100 33.54 -12.33 8.99
NA NA G . -1.70 14.22 -25.82
CL CL H . -49.60 9.17 26.19
#